data_8JN3
#
_entry.id   8JN3
#
_cell.length_a   1.00
_cell.length_b   1.00
_cell.length_c   1.00
_cell.angle_alpha   90.00
_cell.angle_beta   90.00
_cell.angle_gamma   90.00
#
_symmetry.space_group_name_H-M   'P 1'
#
loop_
_entity.id
_entity.type
_entity.pdbx_description
1 polymer 'Envelope protein'
2 polymer 'Membrane protein'
3 polymer 'Human antibody DENV-115 heavy chain'
4 polymer 'Human antibody DENV-115 light chain'
#
loop_
_entity_poly.entity_id
_entity_poly.type
_entity_poly.pdbx_seq_one_letter_code
_entity_poly.pdbx_strand_id
1 'polypeptide(L)'
;MRCVGVGNRDFVEGLSGATWVDVVLEHGGCVTTMAKNKPTLDIELQKTEATQLATLRKLCIEGKITNITTDSRCPTQGEA
VLPEEQDQNYVCKHTYVDRGWGNGCGLFGKGSLVTCAKFQCLEPIEGKVVQYENLKYTVIITVHTGDQHQVGNETQGVTA
EITPQASTTEAILPEYGTLGLECSPRTGLDFNEMILLTMKNKAWMVHRQWFFDLPLPWASGATTETPTWNRKELLVTFKN
AHAKKQEVVVLGSQEGAMHTALTGATEIQNSGGTSIFAGHLKCRLKMDKLELKGMSYAMCTNTFVLKKEVSETQHGTILI
KVEYKGEDAPCKIPFSTEDGQGKAHNGRLITANPVVTKKEEPVNIEAEPPFGESNIVIGIGDNALKINWYKKGSSIGKMF
EATARGARRMAILGDTAWDFGSVGGVLNSLGKMVHQIFGSAYTALFSGVSWVMKIGIGVLLTWIGLNSKNTSMSFSCIAI
GIITLYLGAVVQA
;
A,C,E
2 'polypeptide(L)' SVALAPHVGMGLDTRTQTWMSAEGAWRQVEKVETWALRHPGFTILALFLAHYIGTSLTQKVVIFILLMLVTPSMT B,D,F
3 'polypeptide(L)'
;QVQLVQSGAEVKKPGAPVKVSCEASGYTFTDYFIHWVRQAPGQGLEWMGWINPISGGTNYHPRFHGGVTMTRDTSMKVAY
MELKRLTSDDTAVYFCARGRDFRGGYSQLDYWGQGTLVTVSS
;
H
4 'polypeptide(L)'
;QSVLTQPPSASGTPGQRVTISCSGGSSNIAINTVNWYQQVPGTAPKLLMYSNNQRPSGVPDRFSGSKSGTSASLAISGLQ
SEDEADYYCATWDDSLKDVLFGGGTKLTVL
;
L
#
# COMPACT_ATOMS: atom_id res chain seq x y z
CA MET A 1 -45.68 46.47 -16.57
CA ARG A 2 -42.62 46.76 -14.32
CA CYS A 3 -40.57 44.98 -16.98
CA VAL A 4 -41.20 47.07 -20.08
CA GLY A 5 -37.79 47.88 -21.52
CA VAL A 6 -35.58 45.02 -20.39
CA GLY A 7 -34.70 43.70 -23.85
CA ASN A 8 -35.36 40.14 -22.72
CA ARG A 9 -39.08 40.36 -21.95
CA ASP A 10 -41.18 37.75 -23.76
CA PHE A 11 -44.93 37.56 -24.25
CA VAL A 12 -46.63 34.27 -23.40
CA GLU A 13 -50.22 33.94 -24.65
CA GLY A 14 -52.63 31.05 -24.36
CA LEU A 15 -53.60 28.77 -21.49
CA SER A 16 -53.90 25.05 -20.89
CA GLY A 17 -57.32 23.43 -20.61
CA ALA A 18 -56.80 23.40 -16.85
CA THR A 19 -55.84 27.09 -17.08
CA TRP A 20 -52.08 27.14 -16.53
CA VAL A 21 -48.91 27.64 -18.53
CA ASP A 22 -45.31 26.46 -18.20
CA VAL A 23 -42.91 29.38 -17.78
CA VAL A 24 -39.14 29.54 -17.27
CA LEU A 25 -37.61 32.32 -15.18
CA GLU A 26 -34.20 33.24 -16.60
CA HIS A 27 -33.34 35.81 -13.89
CA GLY A 28 -31.98 37.93 -16.77
CA GLY A 29 -35.26 39.11 -18.23
CA CYS A 30 -39.01 39.03 -17.64
CA VAL A 31 -42.14 37.27 -18.86
CA THR A 32 -45.54 38.86 -19.47
CA THR A 33 -48.58 36.60 -19.00
CA MET A 34 -51.65 37.66 -20.97
CA ALA A 35 -54.71 35.57 -21.76
CA LYS A 36 -58.46 35.83 -22.31
CA ASN A 37 -60.57 37.95 -19.88
CA LYS A 38 -57.88 37.91 -17.18
CA PRO A 39 -55.35 40.41 -15.82
CA THR A 40 -52.03 40.36 -17.69
CA LEU A 41 -49.20 39.64 -15.29
CA ASP A 42 -45.48 40.26 -15.74
CA ILE A 43 -43.33 37.71 -13.93
CA GLU A 44 -39.65 38.24 -13.16
CA LEU A 45 -37.32 36.08 -11.09
CA GLN A 46 -35.52 38.00 -8.35
CA LYS A 47 -32.52 37.35 -6.08
CA THR A 48 -31.98 33.63 -5.46
CA GLU A 49 -30.53 33.72 -1.97
CA ALA A 50 -28.89 30.68 -0.35
CA THR A 51 -27.66 30.98 3.23
CA GLN A 52 -25.71 29.01 5.86
CA LEU A 53 -23.17 28.06 3.22
CA ALA A 54 -21.15 24.89 3.77
CA THR A 55 -17.34 24.87 3.70
CA LEU A 56 -15.42 22.46 1.48
CA ARG A 57 -11.86 22.01 0.22
CA LYS A 58 -10.14 25.41 0.35
CA LEU A 59 -7.20 26.77 -1.61
CA CYS A 60 -4.59 29.48 -1.05
CA ILE A 61 -3.05 31.90 -3.55
CA GLU A 62 -0.58 33.57 -1.19
CA GLY A 63 2.13 31.82 0.78
CA LYS A 64 5.02 32.55 3.09
CA ILE A 65 7.99 30.32 3.84
CA THR A 66 10.38 30.21 6.78
CA ASN A 67 12.63 27.88 8.78
CA ILE A 68 14.96 26.88 5.96
CA THR A 69 16.91 23.69 6.66
CA THR A 70 19.62 21.94 4.66
CA ASP A 71 21.39 18.56 4.74
CA SER A 72 23.74 16.88 2.26
CA ARG A 73 25.15 13.37 1.95
CA CYS A 74 28.09 11.56 0.42
CA PRO A 75 27.77 10.72 -3.30
CA THR A 76 27.92 6.97 -2.78
CA GLN A 77 26.00 7.23 0.51
CA GLY A 78 22.69 7.88 -1.23
CA GLU A 79 19.75 10.08 -0.30
CA ALA A 80 19.53 12.87 2.28
CA VAL A 81 17.38 12.88 5.42
CA LEU A 82 16.15 15.53 7.86
CA PRO A 83 13.84 15.23 10.89
CA GLU A 84 10.97 17.30 9.51
CA GLU A 85 10.05 15.83 6.10
CA GLN A 86 7.38 13.82 7.90
CA ASP A 87 5.95 17.08 9.25
CA GLN A 88 3.28 18.33 6.86
CA ASN A 89 4.22 22.00 7.36
CA TYR A 90 7.63 21.75 5.66
CA VAL A 91 8.07 21.68 1.89
CA CYS A 92 10.51 19.09 0.52
CA LYS A 93 12.12 18.07 -2.77
CA HIS A 94 15.21 15.96 -3.34
CA THR A 95 18.03 17.21 -5.57
CA TYR A 96 21.54 16.16 -6.52
CA VAL A 97 24.57 18.38 -5.99
CA ASP A 98 28.31 18.00 -6.46
CA ARG A 99 30.34 17.92 -3.24
CA GLY A 100 34.01 17.66 -2.41
CA TRP A 101 36.86 18.35 -0.04
CA GLY A 102 36.31 22.10 -0.21
CA ASN A 103 32.75 21.20 0.73
CA GLY A 104 34.09 18.76 3.33
CA CYS A 105 33.10 15.55 1.55
CA GLY A 106 36.25 13.47 1.09
CA LEU A 107 34.86 11.34 -1.77
CA PHE A 108 34.23 13.31 -4.94
CA GLY A 109 30.91 12.79 -6.68
CA LYS A 110 27.32 13.88 -7.26
CA GLY A 111 25.70 13.76 -3.83
CA SER A 112 22.09 14.17 -2.76
CA LEU A 113 20.54 17.32 -1.30
CA VAL A 114 17.08 17.97 0.11
CA THR A 115 15.74 20.90 2.11
CA CYS A 116 12.72 21.72 4.26
CA ALA A 117 11.01 24.98 5.16
CA LYS A 118 7.94 25.88 7.21
CA PHE A 119 4.96 26.83 5.04
CA GLN A 120 1.70 28.69 5.50
CA CYS A 121 -0.98 30.43 3.41
CA LEU A 122 -2.21 33.98 3.97
CA GLU A 123 -5.66 34.91 2.68
CA PRO A 124 -6.70 31.55 1.19
CA ILE A 125 -9.64 31.17 -1.19
CA GLU A 126 -12.65 29.21 0.02
CA GLY A 127 -15.19 27.25 -1.97
CA LYS A 128 -18.48 26.92 -0.12
CA VAL A 129 -20.86 24.17 -1.20
CA VAL A 130 -24.57 24.94 -1.43
CA GLN A 131 -27.22 22.35 -0.60
CA TYR A 132 -30.78 22.33 -1.91
CA GLU A 133 -32.35 22.18 1.55
CA ASN A 134 -31.20 25.73 2.28
CA LEU A 135 -31.73 27.66 -0.96
CA LYS A 136 -34.28 30.43 -1.45
CA TYR A 137 -35.94 31.49 -4.70
CA THR A 138 -37.46 34.98 -4.85
CA VAL A 139 -39.66 36.04 -7.76
CA ILE A 140 -41.25 39.49 -8.04
CA ILE A 141 -44.85 39.47 -9.24
CA THR A 142 -46.64 42.39 -10.87
CA VAL A 143 -49.78 43.14 -12.86
CA HIS A 144 -50.64 45.47 -15.73
CA THR A 145 -52.80 47.60 -13.43
CA GLY A 146 -51.98 50.80 -15.31
CA ASP A 147 -50.57 52.57 -12.27
CA GLN A 148 -49.01 56.00 -12.78
CA HIS A 149 -45.62 54.84 -11.43
CA GLN A 150 -45.48 51.26 -12.75
CA VAL A 151 -43.60 51.69 -16.04
CA GLY A 152 -40.08 50.45 -15.45
CA ASN A 153 -39.60 50.88 -11.71
CA GLU A 154 -38.30 47.45 -10.81
CA THR A 155 -39.17 47.74 -7.11
CA GLN A 156 -43.00 47.49 -6.91
CA GLY A 157 -44.81 44.19 -6.93
CA VAL A 158 -45.64 41.05 -4.96
CA THR A 159 -42.70 39.09 -3.59
CA ALA A 160 -42.96 35.29 -3.62
CA GLU A 161 -40.75 33.08 -1.46
CA ILE A 162 -39.81 29.78 -3.09
CA THR A 163 -37.94 27.02 -1.27
CA PRO A 164 -37.47 23.32 -2.08
CA GLN A 165 -39.13 22.54 1.25
CA ALA A 166 -42.29 24.29 -0.03
CA SER A 167 -42.15 24.57 -3.82
CA THR A 168 -45.81 25.44 -4.33
CA THR A 169 -46.97 28.81 -3.00
CA GLU A 170 -49.77 31.32 -3.47
CA ALA A 171 -49.24 34.94 -4.50
CA ILE A 172 -52.20 36.84 -3.08
CA LEU A 173 -52.48 39.90 -5.30
CA PRO A 174 -54.15 42.87 -3.55
CA GLU A 175 -57.78 42.90 -4.74
CA TYR A 176 -56.60 41.01 -7.86
CA GLY A 177 -56.83 37.41 -6.67
CA THR A 178 -53.97 34.97 -6.07
CA LEU A 179 -51.43 32.98 -8.07
CA GLY A 180 -50.97 29.24 -7.78
CA LEU A 181 -47.23 28.81 -8.26
CA GLU A 182 -46.21 25.21 -8.98
CA CYS A 183 -42.46 25.73 -8.91
CA SER A 184 -39.73 23.26 -9.90
CA PRO A 185 -36.99 24.56 -7.62
CA ARG A 186 -34.53 21.67 -7.39
CA THR A 187 -33.86 21.18 -11.11
CA GLY A 188 -32.72 24.72 -11.83
CA LEU A 189 -29.05 25.44 -12.44
CA ASP A 190 -28.09 21.98 -11.11
CA PHE A 191 -26.47 23.35 -7.98
CA ASN A 192 -25.40 19.87 -6.83
CA GLU A 193 -22.61 19.99 -9.44
CA MET A 194 -21.10 23.38 -8.66
CA ILE A 195 -19.26 25.44 -6.05
CA LEU A 196 -19.60 28.88 -4.51
CA LEU A 197 -15.94 29.73 -4.25
CA THR A 198 -15.00 33.14 -2.86
CA MET A 199 -11.88 35.31 -2.72
CA LYS A 200 -11.43 38.67 -0.98
CA ASN A 201 -15.04 39.94 -1.11
CA LYS A 202 -15.76 38.26 -4.48
CA ALA A 203 -17.22 34.85 -5.33
CA TRP A 204 -17.82 32.82 -8.49
CA MET A 205 -20.04 30.11 -10.01
CA VAL A 206 -17.92 27.13 -10.98
CA HIS A 207 -18.22 23.44 -11.79
CA ARG A 208 -17.06 20.86 -9.28
CA GLN A 209 -14.42 19.01 -11.28
CA TRP A 210 -12.75 22.21 -12.46
CA PHE A 211 -12.24 23.30 -8.87
CA PHE A 212 -11.15 19.85 -7.68
CA ASP A 213 -8.42 19.73 -10.35
CA LEU A 214 -7.14 23.27 -9.89
CA PRO A 215 -3.33 23.07 -9.56
CA LEU A 216 -3.10 24.84 -6.20
CA PRO A 217 -2.33 23.72 -2.64
CA TRP A 218 -5.57 22.69 -0.96
CA ALA A 219 -6.94 22.16 2.53
CA SER A 220 -9.98 20.36 3.92
CA GLY A 221 -12.10 23.29 5.08
CA ALA A 222 -12.86 22.09 8.61
CA THR A 223 -12.35 25.41 10.47
CA THR A 224 -9.30 23.88 12.11
CA GLU A 225 -6.94 26.07 14.08
CA THR A 226 -4.04 24.87 11.89
CA PRO A 227 -4.60 23.72 8.29
CA THR A 228 -2.47 21.00 6.74
CA TRP A 229 -2.15 22.11 3.12
CA ASN A 230 -1.65 19.37 0.54
CA ARG A 231 0.33 19.56 -2.69
CA LYS A 232 1.99 22.73 -1.43
CA GLU A 233 4.96 22.37 -3.80
CA LEU A 234 2.90 24.13 -6.49
CA LEU A 235 3.33 27.63 -5.01
CA VAL A 236 6.95 27.34 -3.88
CA THR A 237 9.74 26.74 -6.38
CA PHE A 238 13.15 25.18 -5.74
CA LYS A 239 15.85 26.98 -7.71
CA ASN A 240 18.93 24.78 -8.18
CA ALA A 241 21.35 27.29 -9.61
CA HIS A 242 24.58 25.88 -11.09
CA ALA A 243 25.11 22.47 -9.44
CA LYS A 244 24.95 23.21 -5.70
CA LYS A 245 23.33 25.12 -2.81
CA GLN A 246 19.85 25.28 -4.26
CA GLU A 247 17.33 27.75 -2.87
CA VAL A 248 13.61 28.25 -2.30
CA VAL A 249 11.32 31.06 -3.46
CA VAL A 250 7.89 32.04 -2.16
CA LEU A 251 5.98 32.78 -5.39
CA GLY A 252 3.00 34.36 -3.62
CA SER A 253 -0.39 35.84 -4.56
CA GLN A 254 -1.83 33.89 -7.49
CA GLU A 255 -4.70 36.45 -7.41
CA GLY A 256 -3.95 37.56 -10.96
CA ALA A 257 -3.63 33.96 -12.10
CA MET A 258 -6.92 32.89 -10.55
CA HIS A 259 -8.58 36.04 -11.90
CA THR A 260 -7.39 35.06 -15.36
CA ALA A 261 -8.58 31.48 -14.84
CA LEU A 262 -12.18 32.34 -13.95
CA THR A 263 -13.13 33.20 -17.52
CA GLY A 264 -16.51 31.66 -18.34
CA ALA A 265 -17.73 31.54 -14.76
CA THR A 266 -20.31 34.06 -13.58
CA GLU A 267 -19.71 36.80 -11.03
CA ILE A 268 -21.90 36.82 -7.92
CA GLN A 269 -22.56 39.13 -4.97
CA ASN A 270 -20.90 37.92 -1.75
CA SER A 271 -22.63 40.52 0.44
CA GLY A 272 -25.10 39.54 3.13
CA GLY A 273 -26.06 35.91 2.71
CA THR A 274 -24.32 35.78 -0.68
CA SER A 275 -27.42 36.42 -2.78
CA ILE A 276 -27.00 34.38 -5.96
CA PHE A 277 -27.76 36.19 -9.21
CA ALA A 278 -28.19 35.13 -12.85
CA GLY A 279 -30.36 32.25 -11.68
CA HIS A 280 -32.87 30.07 -13.50
CA LEU A 281 -36.25 28.66 -12.47
CA LYS A 282 -39.26 26.88 -13.96
CA CYS A 283 -42.77 27.10 -12.52
CA ARG A 284 -46.43 26.58 -13.36
CA LEU A 285 -48.95 29.44 -13.32
CA LYS A 286 -52.25 28.42 -11.72
CA MET A 287 -54.08 31.52 -12.95
CA ASP A 288 -57.71 30.50 -12.39
CA LYS A 289 -57.96 32.43 -9.08
CA LEU A 290 -57.45 35.84 -10.69
CA GLU A 291 -59.86 38.77 -10.83
CA LEU A 292 -60.13 41.73 -13.20
CA LYS A 293 -61.01 44.64 -10.84
CA GLY A 294 -63.10 46.20 -13.60
CA MET A 295 -65.94 43.95 -14.72
CA SER A 296 -68.24 45.59 -12.15
CA TYR A 297 -67.16 48.99 -13.48
CA ALA A 298 -68.77 51.23 -16.09
CA MET A 299 -67.13 53.07 -19.00
CA CYS A 300 -65.80 56.64 -19.13
CA THR A 301 -68.14 59.35 -20.43
CA ASN A 302 -65.71 62.29 -20.53
CA THR A 303 -62.49 63.29 -22.26
CA PHE A 304 -58.84 62.25 -21.88
CA VAL A 305 -55.54 64.00 -22.53
CA LEU A 306 -51.96 62.88 -23.21
CA LYS A 307 -49.28 63.73 -20.64
CA LYS A 308 -46.20 62.07 -22.13
CA GLU A 309 -45.43 61.23 -25.75
CA VAL A 310 -45.63 57.57 -26.70
CA SER A 311 -42.69 55.37 -27.69
CA GLU A 312 -41.81 51.83 -28.78
CA THR A 313 -40.39 48.97 -26.72
CA GLN A 314 -38.43 46.88 -29.30
CA HIS A 315 -41.41 44.54 -29.57
CA GLY A 316 -43.68 46.81 -31.59
CA THR A 317 -45.51 47.52 -28.32
CA ILE A 318 -46.99 50.92 -27.51
CA LEU A 319 -47.33 52.55 -24.07
CA ILE A 320 -49.95 55.27 -23.69
CA LYS A 321 -49.91 57.72 -20.77
CA VAL A 322 -53.09 59.79 -20.38
CA GLU A 323 -55.17 61.74 -17.87
CA TYR A 324 -58.95 61.44 -17.57
CA LYS A 325 -59.94 65.07 -17.02
CA GLY A 326 -63.57 64.27 -16.33
CA GLU A 327 -65.59 64.54 -13.12
CA ASP A 328 -66.66 60.91 -12.83
CA ALA A 329 -66.32 57.87 -10.62
CA PRO A 330 -63.49 55.43 -11.40
CA CYS A 331 -64.52 53.57 -14.51
CA LYS A 332 -63.56 51.46 -17.50
CA ILE A 333 -61.69 53.22 -20.31
CA PRO A 334 -63.11 52.25 -23.73
CA PHE A 335 -60.68 51.12 -26.41
CA SER A 336 -60.58 50.56 -30.16
CA THR A 337 -57.84 49.93 -32.73
CA GLU A 338 -58.59 51.93 -35.87
CA ASP A 339 -56.54 50.41 -38.68
CA GLY A 340 -55.26 52.40 -41.64
CA GLN A 341 -58.04 53.71 -43.94
CA GLY A 342 -60.42 51.20 -42.33
CA LYS A 343 -62.38 50.75 -39.12
CA ALA A 344 -61.00 47.21 -38.79
CA HIS A 345 -59.97 46.28 -35.25
CA ASN A 346 -56.58 44.59 -35.70
CA GLY A 347 -54.45 44.82 -32.58
CA ARG A 348 -54.96 43.80 -28.96
CA LEU A 349 -54.36 45.32 -25.56
CA ILE A 350 -51.67 44.24 -23.18
CA THR A 351 -53.14 46.00 -20.14
CA ALA A 352 -56.38 44.22 -21.13
CA ASN A 353 -58.32 46.14 -18.49
CA PRO A 354 -57.66 49.91 -18.39
CA VAL A 355 -59.58 51.36 -15.44
CA VAL A 356 -59.23 54.87 -14.03
CA THR A 357 -59.17 55.10 -10.26
CA LYS A 358 -58.85 58.69 -9.01
CA LYS A 359 -59.09 60.95 -12.13
CA GLU A 360 -55.81 62.75 -11.43
CA GLU A 361 -53.40 59.85 -11.95
CA PRO A 362 -51.66 59.54 -15.36
CA VAL A 363 -52.80 56.03 -16.23
CA ASN A 364 -50.28 54.25 -18.46
CA ILE A 365 -51.61 51.89 -21.13
CA GLU A 366 -49.66 49.12 -22.85
CA ALA A 367 -50.73 47.76 -26.24
CA GLU A 368 -49.46 46.82 -29.69
CA PRO A 369 -50.35 48.22 -33.13
CA PRO A 370 -50.55 46.21 -36.35
CA PHE A 371 -47.36 46.15 -38.37
CA GLY A 372 -48.46 48.92 -40.77
CA GLU A 373 -49.82 52.42 -40.36
CA SER A 374 -52.13 52.78 -37.38
CA ASN A 375 -54.33 55.29 -35.58
CA ILE A 376 -55.29 54.24 -32.07
CA VAL A 377 -58.65 55.67 -31.02
CA ILE A 378 -59.64 55.63 -27.37
CA GLY A 379 -63.33 55.67 -28.25
CA ILE A 380 -64.94 58.44 -26.20
CA GLY A 381 -67.76 59.94 -28.24
CA ASP A 382 -66.83 62.09 -31.21
CA ASN A 383 -64.06 63.82 -29.22
CA ALA A 384 -62.03 60.62 -28.97
CA LEU A 385 -58.26 60.83 -28.62
CA LYS A 386 -57.05 59.62 -32.04
CA ILE A 387 -53.33 59.02 -31.62
CA ASN A 388 -51.71 58.03 -34.91
CA TRP A 389 -48.77 55.62 -34.62
CA TYR A 390 -46.77 53.91 -37.36
CA LYS A 391 -44.80 50.83 -36.38
CA LYS A 392 -41.84 50.20 -38.67
CA GLY A 393 -41.21 46.62 -39.76
CA SER A 394 -42.88 43.61 -41.30
CA SER A 395 -44.41 40.52 -39.74
CA ILE A 396 -41.71 38.40 -41.42
CA GLY A 397 -39.17 40.34 -39.39
CA LYS A 398 -41.18 39.44 -36.30
CA MET A 399 -41.03 35.73 -37.12
CA PHE A 400 -37.29 35.90 -37.81
CA GLU A 401 -36.70 37.69 -34.50
CA ALA A 402 -38.90 35.16 -32.70
CA THR A 403 -36.86 32.32 -34.17
CA ALA A 404 -33.67 34.10 -33.11
CA ARG A 405 -34.82 34.58 -29.51
CA GLY A 406 -36.15 31.03 -29.28
CA ALA A 407 -32.84 29.67 -30.58
CA ARG A 408 -31.01 31.82 -28.04
CA ARG A 409 -33.23 30.43 -25.28
CA MET A 410 -32.68 26.83 -26.35
CA ALA A 411 -28.93 27.51 -26.53
CA ILE A 412 -29.03 28.54 -22.85
CA LEU A 413 -31.78 26.28 -21.51
CA GLY A 414 -31.20 23.10 -23.48
CA ASP A 415 -34.24 20.86 -23.11
CA THR A 416 -35.86 23.09 -20.49
CA ALA A 417 -36.41 25.80 -23.11
CA TRP A 418 -39.03 23.54 -24.72
CA ASP A 419 -41.70 23.86 -22.02
CA PHE A 420 -41.76 27.65 -22.22
CA GLY A 421 -45.27 27.65 -23.66
CA SER A 422 -48.43 25.64 -23.01
CA VAL A 423 -48.66 22.02 -21.88
CA GLY A 424 -48.22 20.80 -25.43
CA GLY A 425 -47.64 17.09 -24.93
CA VAL A 426 -49.17 16.24 -28.29
CA LEU A 427 -45.93 17.35 -29.94
CA ASN A 428 -44.21 19.71 -27.51
CA SER A 429 -43.33 16.99 -25.00
CA LEU A 430 -42.04 14.75 -27.80
CA GLY A 431 -39.86 17.58 -29.06
CA LYS A 432 -38.61 18.27 -25.54
CA MET A 433 -37.67 14.63 -24.91
CA VAL A 434 -36.03 14.07 -28.29
CA HIS A 435 -34.04 17.31 -28.03
CA GLN A 436 -33.12 16.26 -24.50
CA ILE A 437 -31.72 13.01 -25.88
CA PHE A 438 -29.70 14.72 -28.62
CA GLY A 439 -28.41 17.34 -26.21
CA SER A 440 -27.40 14.91 -23.47
CA ALA A 441 -25.71 12.63 -26.01
CA TYR A 442 -24.19 14.67 -28.85
CA THR A 443 -23.85 18.08 -27.22
CA ALA A 444 -22.35 16.62 -24.02
CA LEU A 445 -19.09 15.69 -25.80
CA PHE A 446 -18.56 19.34 -26.80
CA SER A 447 -17.65 20.21 -23.19
CA GLY A 448 -14.23 21.80 -22.90
CA VAL A 449 -14.17 23.35 -26.39
CA SER A 450 -13.60 27.07 -26.72
CA TRP A 451 -15.29 29.91 -28.60
CA VAL A 452 -12.92 30.05 -31.55
CA MET A 453 -12.39 26.31 -31.26
CA LYS A 454 -16.09 25.50 -31.54
CA ILE A 455 -16.23 27.87 -34.51
CA GLY A 456 -13.37 25.98 -36.13
CA ILE A 457 -14.79 22.54 -35.36
CA GLY A 458 -18.11 23.55 -36.86
CA VAL A 459 -16.44 24.98 -39.96
CA LEU A 460 -14.35 21.87 -40.58
CA LEU A 461 -17.25 19.51 -39.91
CA THR A 462 -19.58 21.38 -42.27
CA TRP A 463 -16.83 21.47 -44.91
CA ILE A 464 -16.68 17.69 -44.64
CA GLY A 465 -20.48 17.67 -44.89
CA LEU A 466 -20.19 19.54 -48.18
CA ASN A 467 -17.78 17.07 -49.81
CA SER A 468 -18.84 13.43 -49.63
CA LYS A 469 -20.91 10.82 -51.43
CA ASN A 470 -23.33 9.70 -48.71
CA THR A 471 -26.46 10.91 -46.93
CA SER A 472 -24.01 11.32 -44.05
CA MET A 473 -23.04 14.57 -45.77
CA SER A 474 -26.52 15.94 -45.10
CA PHE A 475 -26.58 14.52 -41.58
CA SER A 476 -23.20 15.96 -40.62
CA CYS A 477 -23.71 19.36 -42.22
CA ILE A 478 -27.27 20.26 -41.30
CA ALA A 479 -27.25 18.63 -37.84
CA ILE A 480 -23.77 19.58 -36.63
CA GLY A 481 -22.12 22.36 -38.62
CA ILE A 482 -24.66 25.19 -38.53
CA ILE A 483 -25.67 24.28 -34.98
CA THR A 484 -22.05 24.38 -33.83
CA LEU A 485 -21.48 27.75 -35.52
CA TYR A 486 -24.59 29.09 -33.78
CA LEU A 487 -23.41 27.78 -30.40
CA GLY A 488 -19.95 29.26 -30.86
CA ALA A 489 -21.68 32.51 -31.75
CA VAL A 490 -23.71 32.39 -28.52
CA VAL A 491 -21.52 30.60 -25.97
CA GLN A 492 -20.03 32.73 -23.17
CA ALA A 493 -22.66 35.47 -23.27
CA SER B 1 -0.17 27.57 -13.77
CA VAL B 2 -3.89 27.78 -13.11
CA ALA B 3 -4.15 30.26 -15.99
CA LEU B 4 -3.83 27.28 -18.33
CA ALA B 5 -7.04 25.36 -19.06
CA PRO B 6 -9.30 28.19 -17.84
CA HIS B 7 -13.05 28.11 -17.20
CA VAL B 8 -14.02 27.81 -20.87
CA GLY B 9 -16.80 25.82 -22.51
CA MET B 10 -18.35 23.81 -19.64
CA GLY B 11 -22.03 24.01 -20.66
CA LEU B 12 -23.20 26.44 -17.95
CA ASP B 13 -24.44 29.63 -19.61
CA THR B 14 -26.55 32.58 -18.56
CA ARG B 15 -27.83 35.59 -20.49
CA THR B 16 -25.57 37.84 -18.42
CA GLN B 17 -21.99 38.53 -19.48
CA THR B 18 -19.22 36.48 -17.92
CA TRP B 19 -16.14 37.43 -15.94
CA MET B 20 -13.62 37.85 -18.78
CA SER B 21 -15.85 37.68 -21.84
CA ALA B 22 -14.37 39.74 -24.66
CA GLU B 23 -10.66 39.99 -23.84
CA GLY B 24 -10.73 36.38 -22.65
CA ALA B 25 -12.25 35.16 -25.90
CA TRP B 26 -9.80 37.14 -28.03
CA ARG B 27 -6.55 36.59 -26.08
CA GLN B 28 -6.37 33.03 -27.37
CA VAL B 29 -5.98 34.07 -31.00
CA GLU B 30 -4.03 37.17 -29.97
CA LYS B 31 -1.22 35.12 -28.46
CA VAL B 32 -1.16 32.91 -31.56
CA GLU B 33 -0.86 35.98 -33.77
CA THR B 34 1.98 37.33 -31.65
CA TRP B 35 3.87 34.02 -31.65
CA ALA B 36 3.47 33.75 -35.41
CA LEU B 37 4.69 37.28 -36.11
CA ARG B 38 7.67 36.83 -33.78
CA HIS B 39 8.79 33.48 -35.27
CA PRO B 40 8.40 33.50 -39.06
CA GLY B 41 10.51 30.36 -39.53
CA PHE B 42 7.89 27.97 -38.16
CA THR B 43 5.59 29.19 -40.94
CA ILE B 44 8.16 27.97 -43.48
CA LEU B 45 8.58 24.65 -41.67
CA ALA B 46 4.80 24.19 -41.48
CA LEU B 47 4.52 24.90 -45.22
CA PHE B 48 7.18 22.23 -45.77
CA LEU B 49 5.45 19.61 -43.62
CA ALA B 50 2.00 20.39 -45.03
CA HIS B 51 3.20 20.20 -48.63
CA TYR B 52 4.70 16.79 -47.86
CA ILE B 53 1.67 15.71 -45.79
CA GLY B 54 -1.88 15.37 -47.11
CA THR B 55 -1.77 14.19 -50.74
CA SER B 56 -4.40 16.86 -51.45
CA LEU B 57 -5.10 20.54 -50.74
CA THR B 58 -7.72 20.41 -47.98
CA GLN B 59 -5.64 17.98 -45.94
CA LYS B 60 -2.65 20.29 -46.31
CA VAL B 61 -4.45 23.46 -45.24
CA VAL B 62 -6.17 21.71 -42.32
CA ILE B 63 -2.95 20.26 -40.93
CA PHE B 64 -1.22 23.61 -41.46
CA ILE B 65 -3.87 25.43 -39.44
CA LEU B 66 -3.56 22.79 -36.74
CA LEU B 67 0.23 23.12 -36.63
CA MET B 68 0.30 26.91 -36.60
CA LEU B 69 -2.35 26.97 -33.86
CA VAL B 70 -1.11 24.09 -31.71
CA THR B 71 2.47 25.08 -30.87
CA PRO B 72 2.06 28.78 -29.86
CA SER B 73 -0.49 27.48 -27.38
CA MET B 74 1.71 24.69 -26.00
CA THR B 75 4.73 26.95 -26.23
CA MET C 1 54.26 -25.62 7.00
CA ARG C 2 51.33 -23.76 8.53
CA CYS C 3 49.51 -24.60 5.27
CA VAL C 4 49.39 -28.40 5.30
CA GLY C 5 46.29 -30.57 5.33
CA VAL C 6 44.14 -27.48 4.83
CA GLY C 7 42.57 -28.64 1.56
CA ASN C 8 42.28 -25.33 -0.27
CA ARG C 9 46.05 -25.06 -0.80
CA ASP C 10 47.80 -24.73 -4.16
CA PHE C 11 51.48 -24.74 -5.07
CA VAL C 12 53.03 -22.04 -7.24
CA GLU C 13 56.30 -22.84 -9.01
CA GLY C 14 58.48 -20.58 -11.14
CA LEU C 15 60.26 -17.27 -10.65
CA SER C 16 60.65 -14.60 -13.31
CA GLY C 17 63.32 -11.94 -13.69
CA ALA C 18 63.86 -9.32 -10.98
CA THR C 19 62.95 -12.18 -8.58
CA TRP C 20 59.24 -11.39 -8.36
CA VAL C 21 56.26 -13.76 -8.42
CA ASP C 22 52.56 -12.93 -8.31
CA VAL C 23 50.15 -14.76 -6.00
CA VAL C 24 46.63 -14.12 -4.74
CA LEU C 25 45.50 -14.52 -1.13
CA GLU C 26 41.87 -15.64 -0.91
CA HIS C 27 41.42 -15.71 2.91
CA GLY C 28 39.97 -19.20 2.46
CA GLY C 29 43.10 -21.00 1.36
CA CYS C 30 46.81 -20.33 0.93
CA VAL C 31 49.79 -20.85 -1.35
CA THR C 32 53.14 -22.48 -0.58
CA THR C 33 55.61 -21.06 -3.10
CA MET C 34 59.01 -22.61 -3.80
CA ALA C 35 62.16 -21.56 -5.61
CA LYS C 36 65.19 -23.15 -7.22
CA ASN C 37 67.32 -22.29 -4.18
CA LYS C 38 65.32 -20.09 -1.96
CA PRO C 39 63.67 -21.13 1.35
CA THR C 40 60.13 -22.14 0.45
CA LEU C 41 57.25 -20.91 2.59
CA ASP C 42 53.47 -20.60 2.79
CA ILE C 43 51.70 -17.23 2.74
CA GLU C 44 48.09 -17.05 3.90
CA LEU C 45 45.60 -14.22 4.25
CA GLN C 46 44.39 -13.62 7.78
CA LYS C 47 41.99 -11.27 9.58
CA THR C 48 41.06 -8.15 7.63
CA GLU C 49 40.26 -5.99 10.65
CA ALA C 50 38.55 -2.70 9.85
CA THR C 51 38.34 -0.01 12.52
CA GLN C 52 36.48 3.26 13.15
CA LEU C 53 33.60 2.25 10.91
CA ALA C 54 30.88 4.88 10.56
CA THR C 55 27.31 3.87 11.35
CA LEU C 56 24.74 5.22 8.91
CA ARG C 57 21.17 4.68 7.75
CA LYS C 58 19.95 3.31 11.06
CA LEU C 59 17.25 0.82 10.08
CA CYS C 60 14.00 -0.19 11.78
CA ILE C 61 13.11 -3.85 12.18
CA GLU C 62 10.79 -3.54 15.18
CA GLY C 63 8.22 -0.97 16.27
CA LYS C 64 5.35 -0.29 18.63
CA ILE C 65 2.03 1.46 18.05
CA THR C 66 0.11 3.52 20.60
CA ASN C 67 -2.08 6.61 20.98
CA ILE C 68 -4.69 5.32 18.60
CA THR C 69 -6.74 8.31 17.42
CA THR C 70 -9.73 8.66 15.10
CA ASP C 71 -11.77 11.39 13.44
CA SER C 72 -14.40 11.29 10.71
CA ARG C 73 -16.35 13.77 8.61
CA CYS C 74 -19.73 13.49 6.96
CA PRO C 75 -19.78 13.35 3.15
CA THR C 76 -19.19 16.48 1.07
CA GLN C 77 -17.68 18.27 4.06
CA GLY C 78 -13.94 18.01 3.39
CA GLU C 79 -11.57 15.35 4.57
CA ALA C 80 -11.04 14.28 8.17
CA VAL C 81 -8.41 16.26 10.02
CA LEU C 82 -6.64 15.79 13.33
CA PRO C 83 -4.30 18.30 15.03
CA GLU C 84 -1.56 15.73 15.57
CA GLU C 85 -1.47 14.84 11.85
CA GLN C 86 1.38 17.34 11.49
CA ASP C 87 3.56 15.19 13.77
CA GLN C 88 6.80 13.87 12.31
CA ASN C 89 6.18 10.83 14.48
CA TYR C 90 2.79 9.44 13.50
CA VAL C 91 2.07 7.53 10.29
CA CYS C 92 -1.47 7.72 8.96
CA LYS C 93 -3.56 7.99 5.82
CA HIS C 94 -7.04 8.94 4.64
CA THR C 95 -9.86 6.45 4.09
CA TYR C 96 -13.49 6.78 3.06
CA VAL C 97 -16.27 5.35 5.24
CA ASP C 98 -20.03 5.27 4.73
CA ARG C 99 -22.17 6.90 7.39
CA GLY C 100 -25.63 8.33 7.96
CA TRP C 101 -28.38 9.07 10.47
CA GLY C 102 -27.18 6.18 12.61
CA ASN C 103 -23.74 7.81 12.50
CA GLY C 104 -24.61 11.32 13.69
CA CYS C 105 -25.49 13.48 10.69
CA GLY C 106 -28.35 13.68 8.24
CA LEU C 107 -26.39 13.28 5.02
CA PHE C 108 -25.89 9.84 3.49
CA GLY C 109 -22.83 8.77 1.54
CA LYS C 110 -19.11 8.18 1.89
CA GLY C 111 -17.17 10.22 4.45
CA SER C 112 -13.53 10.62 5.42
CA LEU C 113 -11.78 8.92 8.34
CA VAL C 114 -8.32 9.08 9.91
CA THR C 115 -6.36 6.89 12.36
CA CYS C 116 -3.01 8.36 13.36
CA ALA C 117 -1.03 6.78 16.18
CA LYS C 118 2.41 6.65 17.76
CA PHE C 119 5.19 4.53 16.31
CA GLN C 120 8.34 3.82 18.33
CA CYS C 121 11.17 2.01 16.63
CA LEU C 122 12.63 -0.95 18.44
CA GLU C 123 15.80 -3.09 18.27
CA PRO C 124 16.99 -1.15 15.21
CA ILE C 125 19.72 -2.15 12.76
CA GLU C 126 22.54 0.07 11.48
CA GLY C 127 24.46 0.03 8.21
CA LYS C 128 28.06 0.64 9.23
CA VAL C 129 30.10 2.01 6.34
CA VAL C 130 33.82 1.28 5.98
CA GLN C 131 36.54 3.72 4.92
CA TYR C 132 39.67 2.59 3.11
CA GLU C 133 41.72 4.75 5.48
CA ASN C 134 40.99 2.58 8.54
CA LEU C 135 40.91 -0.77 6.73
CA LYS C 136 43.70 -3.09 7.83
CA TYR C 137 44.79 -6.45 6.42
CA THR C 138 46.74 -9.19 8.18
CA VAL C 139 49.01 -11.70 6.44
CA ILE C 140 51.25 -14.14 8.30
CA ILE C 141 54.39 -15.70 6.82
CA THR C 142 55.49 -19.20 7.83
CA VAL C 143 58.60 -20.84 6.40
CA HIS C 144 59.10 -24.58 5.89
CA THR C 145 61.84 -24.63 8.51
CA GLY C 146 60.83 -28.09 9.72
CA ASP C 147 60.05 -27.03 13.28
CA GLN C 148 58.70 -29.65 15.67
CA HIS C 149 55.54 -27.64 16.40
CA GLN C 150 55.15 -26.44 12.81
CA VAL C 151 52.86 -28.98 11.11
CA GLY C 152 49.67 -27.09 10.35
CA ASN C 153 50.32 -24.73 13.25
CA GLU C 154 48.25 -21.56 13.04
CA THR C 155 50.33 -20.06 15.86
CA GLN C 156 53.78 -20.05 14.23
CA GLY C 157 54.41 -17.41 11.58
CA VAL C 158 55.51 -13.88 10.82
CA THR C 159 52.69 -11.34 10.77
CA ALA C 160 52.90 -8.71 8.01
CA GLU C 161 49.77 -6.60 8.53
CA ILE C 162 49.03 -4.20 5.66
CA THR C 163 46.67 -1.28 5.01
CA PRO C 164 45.56 0.38 1.74
CA GLN C 165 47.92 3.18 2.75
CA ALA C 166 51.07 1.10 3.33
CA SER C 167 50.58 -1.61 0.72
CA THR C 168 54.35 -2.12 0.69
CA THR C 169 55.81 -4.08 3.61
CA GLU C 170 59.11 -5.92 4.04
CA ALA C 171 58.60 -8.58 6.69
CA ILE C 172 61.64 -9.42 8.81
CA LEU C 173 61.91 -13.20 8.69
CA PRO C 174 63.76 -14.99 11.50
CA GLU C 175 67.18 -14.45 9.86
CA TYR C 176 65.87 -16.09 6.70
CA GLY C 177 65.77 -12.72 4.91
CA THR C 178 63.05 -10.22 4.09
CA LEU C 179 60.12 -10.58 1.68
CA GLY C 180 59.06 -7.64 -0.44
CA LEU C 181 55.27 -7.58 -0.43
CA GLU C 182 53.52 -5.57 -3.15
CA CYS C 183 49.82 -6.07 -2.50
CA SER C 184 46.77 -4.70 -4.29
CA PRO C 185 44.58 -3.75 -1.32
CA ARG C 186 42.49 -1.27 -3.31
CA THR C 187 41.23 -3.80 -5.85
CA GLY C 188 39.83 -7.21 -4.99
CA LEU C 189 36.77 -6.59 -2.84
CA ASP C 190 35.56 -3.05 -3.70
CA PHE C 191 34.53 -2.04 -0.19
CA ASN C 192 33.45 1.44 -1.23
CA GLU C 193 30.61 -0.53 -2.86
CA MET C 194 29.73 -2.61 0.25
CA ILE C 195 28.09 -1.94 3.63
CA LEU C 196 28.38 -3.68 6.99
CA LEU C 197 25.02 -4.13 8.71
CA THR C 198 25.03 -5.42 12.29
CA MET C 199 22.16 -7.27 13.97
CA LYS C 200 22.17 -7.67 17.75
CA ASN C 201 25.77 -9.12 17.65
CA LYS C 202 25.43 -10.42 14.05
CA ALA C 203 26.99 -8.71 11.05
CA TRP C 204 26.83 -9.22 7.32
CA MET C 205 28.67 -8.01 4.23
CA VAL C 206 26.15 -6.38 1.91
CA HIS C 207 25.81 -4.29 -1.23
CA ARG C 208 25.11 -0.61 -0.68
CA GLN C 209 22.48 -0.41 -3.42
CA TRP C 210 20.63 -3.50 -2.15
CA PHE C 211 20.72 -2.19 1.41
CA PHE C 212 19.34 1.15 0.22
CA ASP C 213 16.61 -0.57 -1.80
CA LEU C 214 15.39 -3.00 0.78
CA PRO C 215 11.96 -1.99 2.11
CA LEU C 216 12.28 -0.98 5.76
CA PRO C 217 12.05 2.48 7.35
CA TRP C 218 15.55 3.86 7.84
CA ALA C 219 16.98 6.64 9.99
CA SER C 220 19.92 9.05 9.91
CA GLY C 221 22.00 6.94 12.30
CA ALA C 222 22.94 10.12 14.19
CA THR C 223 22.23 8.56 17.62
CA THR C 224 19.66 11.23 18.43
CA GLU C 225 17.67 8.61 20.48
CA THR C 226 14.48 10.23 19.08
CA PRO C 227 14.81 9.40 15.38
CA THR C 228 12.10 10.43 12.95
CA TRP C 229 11.77 7.34 10.79
CA ASN C 230 11.23 8.12 7.13
CA ARG C 231 8.85 6.04 5.00
CA LYS C 232 7.41 4.57 8.20
CA GLU C 233 4.29 2.89 6.77
CA LEU C 234 5.45 -0.62 5.87
CA LEU C 235 5.42 -1.57 9.58
CA VAL C 236 1.81 -0.39 9.85
CA THR C 237 -1.32 -1.80 8.28
CA PHE C 238 -4.69 -0.04 8.21
CA LYS C 239 -7.59 -2.45 8.44
CA ASN C 240 -11.02 -1.40 7.23
CA ALA C 241 -13.30 -4.14 8.56
CA HIS C 242 -15.91 -3.41 5.92
CA ALA C 243 -16.55 0.29 5.30
CA LYS C 244 -17.00 0.95 9.01
CA LYS C 245 -13.79 1.58 10.98
CA GLN C 246 -10.00 1.39 10.81
CA GLU C 247 -7.56 -0.46 13.05
CA VAL C 248 -3.79 -0.44 13.36
CA VAL C 249 -1.23 -3.25 13.68
CA VAL C 250 2.57 -3.25 13.99
CA LEU C 251 3.07 -6.35 11.76
CA GLY C 252 5.25 -8.09 14.33
CA SER C 253 8.79 -9.34 13.82
CA GLN C 254 10.60 -9.42 10.48
CA GLU C 255 13.95 -10.62 11.85
CA GLY C 256 13.28 -13.93 10.13
CA ALA C 257 12.64 -11.97 6.94
CA MET C 258 15.99 -10.25 7.51
CA HIS C 259 17.62 -13.66 7.78
CA THR C 260 15.84 -14.86 4.64
CA ALA C 261 17.03 -11.86 2.62
CA LEU C 262 20.65 -12.51 3.68
CA THR C 263 21.22 -15.66 1.62
CA GLY C 264 24.16 -14.55 -0.50
CA ALA C 265 25.67 -12.10 1.98
CA THR C 266 28.69 -13.19 3.98
CA GLU C 267 28.76 -12.95 7.77
CA ILE C 268 31.49 -11.16 9.75
CA GLN C 269 32.74 -11.78 13.27
CA ASN C 270 32.14 -8.38 14.88
CA SER C 271 33.21 -9.25 18.44
CA GLY C 272 36.76 -8.03 17.91
CA GLY C 273 35.44 -4.84 16.37
CA THR C 274 34.22 -6.17 13.00
CA SER C 275 36.85 -8.78 12.19
CA ILE C 276 36.12 -9.34 8.48
CA PHE C 277 36.82 -12.89 7.29
CA ALA C 278 36.50 -14.57 3.88
CA GLY C 279 38.30 -11.62 2.33
CA HIS C 280 40.65 -11.63 -0.64
CA LEU C 281 43.88 -10.00 -1.78
CA LYS C 282 46.42 -10.10 -4.60
CA CYS C 283 50.10 -9.46 -3.95
CA ARG C 284 53.47 -9.65 -5.67
CA LEU C 285 56.33 -11.33 -3.82
CA LYS C 286 59.77 -9.72 -3.95
CA MET C 287 61.97 -12.46 -2.48
CA ASP C 288 65.34 -11.12 -3.68
CA LYS C 289 66.38 -10.74 -0.03
CA LEU C 290 66.38 -14.36 1.11
CA GLU C 291 68.96 -16.87 2.27
CA LEU C 292 68.50 -20.64 2.34
CA LYS C 293 70.17 -20.64 5.79
CA GLY C 294 71.96 -23.86 4.94
CA MET C 295 74.18 -23.24 1.94
CA SER C 296 77.04 -23.42 4.46
CA TYR C 297 76.08 -26.41 6.59
CA ALA C 298 77.69 -29.84 6.15
CA MET C 299 76.37 -33.35 5.52
CA CYS C 300 75.93 -34.81 9.01
CA THR C 301 76.65 -38.52 8.88
CA ASN C 302 74.81 -39.88 11.92
CA THR C 303 71.59 -41.85 11.77
CA PHE C 304 67.96 -40.75 11.66
CA VAL C 305 64.72 -42.24 13.01
CA LEU C 306 61.13 -41.59 11.97
CA LYS C 307 58.87 -40.88 14.93
CA LYS C 308 55.26 -41.20 13.77
CA GLU C 309 53.95 -43.08 10.76
CA VAL C 310 54.33 -41.30 7.43
CA SER C 311 51.20 -39.34 6.51
CA GLU C 312 49.93 -38.52 3.04
CA THR C 313 48.65 -35.00 2.40
CA GLN C 314 46.07 -33.69 0.01
CA HIS C 315 47.52 -33.05 -3.46
CA GLY C 316 49.85 -36.05 -3.05
CA THR C 317 52.73 -34.61 -1.02
CA ILE C 318 54.44 -36.84 1.52
CA LEU C 319 55.46 -35.77 5.03
CA ILE C 320 57.75 -37.45 7.56
CA LYS C 321 58.83 -36.57 11.12
CA VAL C 322 62.39 -37.56 12.03
CA GLU C 323 64.71 -37.12 15.02
CA TYR C 324 68.48 -36.78 14.89
CA LYS C 325 70.60 -39.42 16.59
CA GLY C 326 73.43 -38.75 19.04
CA GLU C 327 75.57 -36.37 16.97
CA ASP C 328 76.11 -32.76 18.06
CA ALA C 329 76.28 -30.67 14.90
CA PRO C 330 73.78 -28.52 12.97
CA CYS C 331 73.60 -30.16 9.56
CA LYS C 332 71.58 -30.15 6.39
CA ILE C 333 69.83 -33.47 5.80
CA PRO C 334 70.91 -35.51 2.79
CA PHE C 335 67.79 -36.33 0.81
CA SER C 336 67.28 -38.74 -2.07
CA THR C 337 64.50 -40.68 -3.76
CA GLU C 338 64.80 -43.93 -5.70
CA ASP C 339 62.61 -46.50 -7.45
CA GLY C 340 61.67 -50.07 -6.54
CA GLN C 341 64.80 -51.84 -7.75
CA GLY C 342 66.25 -49.01 -9.87
CA LYS C 343 67.89 -45.85 -8.58
CA ALA C 344 66.12 -42.93 -10.27
CA HIS C 345 65.79 -39.53 -8.59
CA ASN C 346 62.25 -38.48 -9.52
CA GLY C 347 60.31 -37.08 -6.56
CA ARG C 348 60.97 -33.52 -5.45
CA LEU C 349 61.53 -32.18 -1.94
CA ILE C 350 58.87 -29.49 -1.61
CA THR C 351 60.51 -28.14 1.53
CA ALA C 352 63.56 -26.21 0.36
CA ASN C 353 66.30 -26.78 2.93
CA PRO C 354 65.85 -29.26 5.80
CA VAL C 355 68.32 -28.71 8.65
CA VAL C 356 68.44 -29.99 12.22
CA THR C 357 68.93 -27.16 14.71
CA LYS C 358 69.30 -28.71 18.17
CA LYS C 359 69.16 -32.50 17.53
CA GLU C 360 66.53 -33.13 20.24
CA GLU C 361 63.46 -31.53 18.68
CA PRO C 362 62.17 -33.44 15.64
CA VAL C 363 62.44 -31.94 12.19
CA ASN C 364 59.25 -32.08 10.15
CA ILE C 365 60.35 -32.70 6.58
CA GLU C 366 57.84 -32.86 3.72
CA ALA C 367 58.20 -33.68 0.03
CA GLU C 368 56.46 -34.92 -3.10
CA PRO C 369 57.19 -38.54 -4.04
CA PRO C 370 57.05 -39.79 -7.64
CA PHE C 371 53.85 -41.47 -8.76
CA GLY C 372 53.32 -45.15 -8.06
CA GLU C 373 55.64 -47.12 -5.83
CA SER C 374 58.85 -45.35 -4.81
CA ASN C 375 61.59 -45.45 -2.17
CA ILE C 376 63.10 -42.63 -0.11
CA VAL C 377 66.46 -42.26 1.65
CA ILE C 378 67.00 -39.60 4.32
CA GLY C 379 70.74 -39.98 4.75
CA ILE C 380 74.17 -40.51 3.29
CA GLY C 381 75.06 -43.69 5.16
CA ASP C 382 74.33 -47.15 3.84
CA ASN C 383 72.05 -47.80 6.84
CA ALA C 384 70.46 -44.35 7.00
CA LEU C 385 66.75 -44.84 6.20
CA LYS C 386 64.51 -46.58 3.66
CA ILE C 387 60.87 -45.50 3.37
CA ASN C 388 58.95 -47.22 0.59
CA TRP C 389 55.74 -45.50 -0.47
CA TYR C 390 53.31 -46.18 -3.32
CA LYS C 391 51.62 -43.14 -4.80
CA LYS C 392 47.99 -43.80 -5.70
CA GLY C 393 47.04 -41.26 -8.35
CA SER C 394 48.01 -40.74 -11.97
CA SER C 395 49.30 -37.82 -14.01
CA ILE C 396 46.22 -37.47 -16.22
CA GLY C 397 44.23 -37.22 -13.02
CA LYS C 398 46.41 -34.47 -11.57
CA MET C 399 45.91 -32.43 -14.73
CA PHE C 400 42.17 -32.97 -14.30
CA GLU C 401 42.18 -31.59 -10.76
CA ALA C 402 44.52 -28.77 -11.78
CA THR C 403 42.06 -27.74 -14.50
CA ALA C 404 39.19 -28.11 -12.04
CA ARG C 405 40.81 -25.84 -9.43
CA GLY C 406 41.68 -23.35 -12.15
CA ALA C 407 38.03 -23.33 -13.17
CA ARG C 408 36.99 -22.86 -9.53
CA ARG C 409 39.41 -19.95 -9.13
CA MET C 410 38.26 -18.19 -12.30
CA ALA C 411 34.64 -18.89 -11.33
CA ILE C 412 35.02 -16.53 -8.34
CA LEU C 413 37.96 -14.23 -9.09
CA GLY C 414 38.18 -14.12 -12.89
CA ASP C 415 40.99 -11.59 -13.48
CA THR C 416 42.87 -11.89 -10.21
CA ALA C 417 42.36 -15.59 -10.93
CA TRP C 418 44.48 -15.09 -14.04
CA ASP C 419 47.03 -13.10 -12.03
CA PHE C 420 47.15 -15.83 -9.37
CA GLY C 421 50.01 -17.78 -10.91
CA SER C 422 51.23 -14.78 -12.90
CA VAL C 423 54.90 -15.28 -13.63
CA GLY C 424 54.87 -12.28 -15.97
CA GLY C 425 54.28 -13.95 -19.31
CA VAL C 426 52.96 -11.78 -22.12
CA LEU C 427 50.34 -14.40 -23.00
CA ASN C 428 49.11 -14.09 -19.41
CA SER C 429 48.46 -10.38 -19.92
CA LEU C 430 46.48 -11.03 -23.10
CA GLY C 431 44.40 -13.72 -21.41
CA LYS C 432 43.86 -11.34 -18.51
CA MET C 433 42.58 -8.53 -20.72
CA VAL C 434 40.38 -10.71 -22.94
CA HIS C 435 38.78 -12.42 -19.96
CA GLN C 436 38.45 -8.99 -18.35
CA ILE C 437 36.36 -7.60 -21.21
CA PHE C 438 34.39 -10.83 -21.61
CA GLY C 439 33.56 -10.98 -17.90
CA SER C 440 32.69 -7.29 -17.90
CA ALA C 441 30.08 -8.06 -20.53
CA TYR C 442 29.10 -11.26 -18.71
CA THR C 443 28.42 -9.57 -15.36
CA ALA C 444 26.80 -6.70 -17.26
CA LEU C 445 24.16 -9.27 -18.29
CA PHE C 446 23.95 -11.81 -15.46
CA SER C 447 23.98 -9.46 -12.46
CA GLY C 448 21.38 -10.61 -9.94
CA VAL C 449 20.03 -13.76 -11.62
CA SER C 450 19.83 -16.89 -9.47
CA TRP C 451 21.94 -20.06 -9.72
CA VAL C 452 18.99 -22.16 -10.83
CA MET C 453 18.26 -19.36 -13.27
CA LYS C 454 21.93 -19.59 -14.26
CA ILE C 455 21.39 -23.27 -15.07
CA GLY C 456 18.12 -22.75 -16.91
CA ILE C 457 19.46 -19.91 -19.03
CA GLY C 458 22.61 -21.91 -19.76
CA VAL C 459 20.79 -25.07 -20.82
CA LEU C 460 18.39 -23.12 -23.03
CA LEU C 461 21.31 -21.31 -24.67
CA THR C 462 22.97 -24.69 -25.13
CA TRP C 463 19.85 -25.93 -26.92
CA ILE C 464 19.84 -22.78 -29.05
CA GLY C 465 23.48 -23.28 -30.02
CA LEU C 466 22.84 -26.92 -30.88
CA ASN C 467 19.95 -26.17 -33.28
CA SER C 468 21.34 -23.08 -35.03
CA LYS C 469 22.75 -22.77 -38.56
CA ASN C 470 24.57 -19.43 -38.46
CA THR C 471 28.25 -20.01 -37.65
CA SER C 472 27.63 -18.50 -34.20
CA MET C 473 26.08 -21.84 -33.18
CA SER C 474 29.40 -23.18 -31.85
CA PHE C 475 30.28 -20.01 -29.94
CA SER C 476 26.83 -19.53 -28.38
CA CYS C 477 26.59 -23.23 -27.48
CA ILE C 478 30.06 -24.12 -26.19
CA ALA C 479 31.30 -20.92 -24.59
CA ILE C 480 28.12 -19.63 -22.97
CA GLY C 481 26.14 -22.79 -22.41
CA ILE C 482 29.13 -24.37 -20.68
CA ILE C 483 30.62 -21.50 -18.67
CA THR C 484 27.17 -20.49 -17.44
CA LEU C 485 26.50 -24.08 -16.35
CA TYR C 486 29.82 -24.23 -14.53
CA LEU C 487 29.10 -20.95 -12.74
CA GLY C 488 25.58 -21.97 -11.73
CA ALA C 489 27.07 -25.20 -10.44
CA VAL C 490 29.70 -23.33 -8.40
CA VAL C 491 28.09 -19.99 -7.47
CA GLN C 492 26.31 -19.58 -4.12
CA ALA C 493 29.31 -21.09 -2.35
CA SER D 1 7.75 -8.07 1.67
CA VAL D 2 11.46 -7.50 2.22
CA ALA D 3 11.67 -11.30 2.12
CA LEU D 4 11.25 -10.85 -1.64
CA ALA D 5 14.35 -10.05 -3.69
CA PRO D 6 16.73 -12.30 -1.73
CA HIS D 7 20.33 -11.21 -2.06
CA VAL D 8 21.41 -14.13 -4.25
CA GLY D 9 23.04 -13.61 -7.60
CA MET D 10 24.40 -10.09 -7.80
CA GLY D 11 28.04 -11.17 -7.96
CA LEU D 12 29.84 -10.94 -4.60
CA ASP D 13 30.99 -14.55 -4.59
CA THR D 14 33.64 -15.69 -2.11
CA ARG D 15 35.33 -19.00 -1.36
CA THR D 16 33.59 -19.61 1.98
CA GLN D 17 30.01 -20.79 2.32
CA THR D 18 27.37 -18.06 2.28
CA TRP D 19 24.74 -17.59 4.96
CA MET D 20 21.87 -19.77 3.58
CA SER D 21 23.82 -21.69 0.96
CA ALA D 22 21.93 -24.96 0.53
CA GLU D 23 18.58 -23.89 1.95
CA GLY D 24 18.34 -20.72 -0.11
CA ALA D 25 19.82 -22.53 -3.10
CA TRP D 26 16.99 -25.06 -3.15
CA ARG D 27 14.09 -23.11 -1.62
CA GLN D 28 12.60 -21.66 -4.80
CA VAL D 29 12.85 -25.10 -6.37
CA GLU D 30 10.83 -26.92 -3.73
CA LYS D 31 8.36 -24.04 -3.63
CA VAL D 32 7.71 -24.47 -7.34
CA GLU D 33 7.46 -28.22 -6.83
CA THR D 34 4.97 -28.02 -3.98
CA TRP D 35 2.77 -25.51 -5.77
CA ALA D 36 2.65 -27.72 -8.85
CA LEU D 37 1.79 -30.78 -6.78
CA ARG D 38 -0.94 -28.80 -5.03
CA HIS D 39 -2.71 -27.52 -8.17
CA PRO D 40 -2.76 -30.06 -11.01
CA GLY D 41 -5.21 -28.18 -13.22
CA PHE D 42 -2.76 -25.41 -14.06
CA THR D 43 -0.45 -28.01 -15.59
CA ILE D 44 -3.19 -28.83 -18.09
CA LEU D 45 -3.87 -25.11 -18.59
CA ALA D 46 -0.20 -24.49 -19.37
CA LEU D 47 -0.26 -27.45 -21.74
CA PHE D 48 -3.19 -25.83 -23.55
CA LEU D 49 -1.43 -22.46 -23.71
CA ALA D 50 1.87 -23.91 -24.94
CA HIS D 51 0.14 -26.14 -27.50
CA TYR D 52 -1.86 -23.28 -29.00
CA ILE D 53 1.09 -20.85 -29.10
CA GLY D 54 4.25 -22.82 -29.92
CA THR D 55 4.65 -23.70 -33.59
CA SER D 56 7.67 -25.95 -32.96
CA LEU D 57 8.32 -28.57 -30.30
CA THR D 58 11.17 -26.69 -28.65
CA GLN D 59 9.30 -23.40 -28.35
CA LYS D 60 6.33 -25.41 -27.10
CA VAL D 61 8.41 -26.77 -24.22
CA VAL D 62 10.05 -23.38 -23.63
CA ILE D 63 6.59 -21.85 -23.23
CA PHE D 64 5.52 -24.72 -20.99
CA ILE D 65 8.38 -24.53 -18.48
CA LEU D 66 8.41 -20.72 -18.50
CA LEU D 67 4.71 -20.69 -17.65
CA MET D 68 5.17 -23.35 -14.98
CA LEU D 69 8.07 -21.33 -13.53
CA VAL D 70 6.80 -17.73 -13.56
CA THR D 71 3.67 -18.65 -11.63
CA PRO D 72 4.94 -20.11 -8.29
CA SER D 73 7.04 -17.08 -7.39
CA MET D 74 4.62 -14.45 -8.65
CA THR D 75 2.06 -16.03 -6.29
CA MET E 1 -34.62 0.24 8.27
CA ARG E 2 -31.70 -1.07 10.25
CA CYS E 3 -29.83 -1.37 6.95
CA VAL E 4 -30.52 2.14 5.64
CA GLY E 5 -27.22 3.70 4.63
CA VAL E 6 -25.03 0.60 4.82
CA GLY E 7 -23.99 0.96 1.18
CA ASN E 8 -24.45 -2.73 0.38
CA ARG E 9 -28.20 -3.27 0.70
CA ASP E 10 -29.98 -5.22 -2.03
CA PHE E 11 -33.68 -5.46 -2.80
CA VAL E 12 -35.75 -8.58 -3.44
CA GLU E 13 -39.39 -9.06 -4.43
CA GLY E 14 -39.23 -12.75 -5.27
CA LEU E 15 -42.15 -14.07 -3.26
CA SER E 16 -43.99 -16.96 -4.91
CA GLY E 17 -46.35 -19.80 -4.07
CA ALA E 18 -46.16 -21.08 -0.49
CA THR E 19 -45.07 -17.49 0.30
CA TRP E 20 -41.40 -18.42 0.28
CA VAL E 21 -38.28 -16.77 -1.12
CA ASP E 22 -34.66 -17.84 -0.88
CA VAL E 23 -31.91 -15.35 -0.10
CA VAL E 24 -28.20 -15.36 0.76
CA LEU E 25 -26.71 -13.50 3.72
CA GLU E 26 -23.19 -12.16 3.21
CA HIS E 27 -22.35 -10.93 6.75
CA GLY E 28 -21.26 -7.64 5.19
CA GLY E 29 -24.26 -6.60 3.13
CA CYS E 30 -27.98 -6.56 3.68
CA VAL E 31 -31.23 -7.54 1.98
CA THR E 32 -34.82 -6.34 2.42
CA THR E 33 -37.92 -8.17 1.18
CA MET E 34 -40.99 -6.51 -0.32
CA ALA E 35 -44.30 -8.31 -0.77
CA LYS E 36 -47.59 -7.28 -2.32
CA ASN E 37 -49.61 -7.32 0.91
CA LYS E 38 -47.04 -8.08 3.58
CA PRO E 39 -44.77 -6.18 5.99
CA THR E 40 -41.31 -5.46 4.60
CA LEU E 41 -38.71 -6.84 6.99
CA ASP E 42 -34.94 -6.51 7.19
CA ILE E 43 -32.54 -9.47 7.38
CA GLU E 44 -28.89 -9.09 8.41
CA LEU E 45 -26.32 -11.79 9.17
CA GLN E 46 -24.76 -11.14 12.57
CA LYS E 47 -21.62 -12.73 13.97
CA THR E 48 -20.86 -16.39 13.33
CA GLU E 49 -19.62 -17.68 16.65
CA ALA E 50 -17.98 -21.08 17.08
CA THR E 51 -17.14 -22.92 20.29
CA GLN E 52 -15.36 -26.07 21.47
CA LEU E 53 -12.29 -25.54 19.30
CA ALA E 54 -10.04 -28.48 18.40
CA THR E 55 -6.29 -27.85 18.52
CA LEU E 56 -3.94 -29.56 16.05
CA ARG E 57 -0.73 -29.02 14.07
CA LYS E 58 0.85 -26.43 16.34
CA LEU E 59 3.38 -24.17 14.62
CA CYS E 60 6.49 -22.54 16.10
CA ILE E 61 7.67 -19.04 15.15
CA GLU E 62 10.69 -18.48 17.40
CA GLY E 63 13.01 -21.07 18.90
CA LYS E 64 15.78 -21.27 21.45
CA ILE E 65 19.11 -23.03 20.93
CA THR E 66 21.03 -24.40 23.92
CA ASN E 67 23.35 -27.28 24.82
CA ILE E 68 25.18 -26.84 21.53
CA THR E 69 27.20 -30.05 21.36
CA THR E 70 29.55 -31.28 18.63
CA ASP E 71 31.44 -34.43 17.75
CA SER E 72 33.84 -35.32 14.94
CA ARG E 73 35.63 -38.47 13.81
CA CYS E 74 39.06 -39.21 12.40
CA PRO E 75 39.15 -38.79 8.61
CA THR E 76 38.52 -41.82 6.38
CA GLN E 77 36.98 -43.87 9.19
CA GLY E 78 33.39 -44.23 10.36
CA GLU E 79 30.97 -41.33 10.67
CA ALA E 80 30.36 -38.82 13.45
CA VAL E 81 27.62 -40.00 15.80
CA LEU E 82 26.28 -38.77 19.13
CA PRO E 83 24.04 -40.37 21.76
CA GLU E 84 22.00 -37.14 21.74
CA GLU E 85 20.90 -37.36 18.10
CA GLN E 86 18.42 -40.13 18.95
CA ASP E 87 16.75 -37.63 21.31
CA GLN E 88 13.64 -36.08 19.79
CA ASN E 89 14.22 -32.78 21.61
CA TYR E 90 17.43 -32.22 19.61
CA VAL E 91 17.93 -31.29 15.98
CA CYS E 92 21.16 -32.53 14.44
CA LYS E 93 23.03 -32.50 11.13
CA HIS E 94 26.52 -33.76 10.31
CA THR E 95 28.93 -32.07 7.92
CA TYR E 96 32.44 -32.86 6.70
CA VAL E 97 35.53 -31.17 8.15
CA ASP E 98 39.13 -31.44 7.01
CA ARG E 99 41.30 -32.72 9.84
CA GLY E 100 45.03 -32.92 10.35
CA TRP E 101 47.76 -33.36 12.95
CA GLY E 102 46.91 -29.95 14.39
CA ASN E 103 43.43 -31.40 14.90
CA GLY E 104 44.89 -34.42 16.72
CA CYS E 105 44.09 -36.97 14.03
CA GLY E 106 46.90 -39.12 12.67
CA LEU E 107 45.85 -39.08 9.02
CA PHE E 108 44.85 -36.03 6.99
CA GLY E 109 41.59 -35.83 5.10
CA LYS E 110 37.92 -34.90 5.25
CA GLY E 111 36.03 -36.06 8.32
CA SER E 112 32.45 -36.10 9.50
CA LEU E 113 31.20 -33.89 12.33
CA VAL E 114 27.78 -34.10 13.94
CA THR E 115 26.27 -31.27 15.97
CA CYS E 116 23.15 -31.31 18.15
CA ALA E 117 21.23 -28.38 19.63
CA LYS E 118 18.26 -28.18 21.99
CA PHE E 119 15.43 -26.62 20.03
CA GLN E 120 13.00 -24.97 22.45
CA CYS E 121 9.44 -23.85 21.82
CA LEU E 122 8.67 -20.14 21.92
CA GLU E 123 5.46 -18.32 20.94
CA PRO E 124 3.65 -20.91 18.79
CA ILE E 125 0.63 -20.72 16.49
CA GLU E 126 -2.49 -22.47 17.74
CA GLY E 127 -4.33 -23.92 14.76
CA LYS E 128 -7.83 -25.25 15.40
CA VAL E 129 -10.49 -26.94 13.28
CA VAL E 130 -14.13 -25.92 13.72
CA GLN E 131 -16.72 -28.70 13.78
CA TYR E 132 -20.09 -28.47 12.08
CA GLU E 133 -21.66 -29.86 15.26
CA ASN E 134 -20.79 -26.63 17.11
CA LEU E 135 -21.44 -24.05 14.40
CA LYS E 136 -23.83 -21.23 15.28
CA TYR E 137 -25.17 -18.35 13.21
CA THR E 138 -26.59 -15.13 14.63
CA VAL E 139 -29.23 -13.47 12.45
CA ILE E 140 -31.07 -10.24 13.23
CA ILE E 141 -34.51 -9.28 11.92
CA THR E 142 -36.07 -5.83 11.93
CA VAL E 143 -39.26 -4.59 10.29
CA HIS E 144 -39.81 -1.28 8.51
CA THR E 145 -41.96 -0.16 11.43
CA GLY E 146 -41.72 3.64 11.38
CA ASP E 147 -40.31 3.79 14.91
CA GLN E 148 -38.44 6.81 16.24
CA HIS E 149 -34.80 5.75 16.36
CA GLN E 150 -34.55 2.89 13.87
CA VAL E 151 -32.66 4.46 10.96
CA GLY E 152 -29.26 2.81 10.79
CA ASN E 153 -29.87 1.46 14.29
CA GLU E 154 -28.15 -1.84 15.01
CA THR E 155 -29.99 -2.58 18.28
CA GLN E 156 -33.67 -2.84 17.33
CA GLY E 157 -33.80 -6.32 15.83
CA VAL E 158 -34.83 -9.83 16.84
CA THR E 159 -32.00 -12.34 17.03
CA ALA E 160 -32.05 -15.66 15.19
CA GLU E 161 -29.69 -18.39 16.39
CA ILE E 162 -29.00 -20.79 13.51
CA THR E 163 -27.31 -24.17 13.92
CA PRO E 164 -27.19 -27.34 11.81
CA GLN E 165 -28.85 -29.23 14.66
CA ALA E 166 -31.95 -27.04 14.13
CA SER E 167 -31.56 -25.24 10.81
CA THR E 168 -35.24 -24.28 10.71
CA THR E 169 -36.36 -21.85 13.39
CA GLU E 170 -39.16 -19.42 14.22
CA ALA E 171 -38.93 -15.63 14.29
CA ILE E 172 -41.72 -14.33 16.56
CA LEU E 173 -42.15 -10.80 15.30
CA PRO E 174 -44.03 -8.62 17.82
CA GLU E 175 -47.54 -7.99 16.48
CA TYR E 176 -46.16 -8.82 13.04
CA GLY E 177 -46.05 -12.63 12.73
CA THR E 178 -43.45 -15.40 12.87
CA LEU E 179 -40.92 -15.44 10.05
CA GLY E 180 -39.93 -18.92 8.91
CA LEU E 181 -36.18 -19.43 8.59
CA GLU E 182 -35.31 -22.50 6.55
CA CYS E 183 -31.52 -22.43 6.58
CA SER E 184 -28.77 -24.56 5.04
CA PRO E 185 -25.71 -24.18 7.28
CA ARG E 186 -24.12 -27.22 5.62
CA THR E 187 -23.24 -25.12 2.58
CA GLY E 188 -21.29 -21.87 2.75
CA LEU E 189 -17.67 -21.22 3.68
CA ASP E 190 -16.90 -24.96 3.86
CA PHE E 191 -15.61 -24.76 7.42
CA ASN E 192 -14.59 -28.42 7.34
CA GLU E 193 -11.74 -27.28 5.08
CA MET E 194 -10.49 -24.43 7.27
CA ILE E 195 -8.30 -23.59 10.29
CA LEU E 196 -8.56 -20.68 12.72
CA LEU E 197 -4.89 -20.06 13.46
CA THR E 198 -4.16 -17.65 16.32
CA MET E 199 -1.18 -15.29 16.52
CA LYS E 200 -0.97 -13.17 19.69
CA ASN E 201 -4.72 -12.67 20.24
CA LYS E 202 -5.47 -12.41 16.50
CA ALA E 203 -6.95 -15.12 14.31
CA TRP E 204 -7.08 -15.81 10.58
CA MET E 205 -9.25 -17.89 8.26
CA VAL E 206 -6.92 -20.11 6.26
CA HIS E 207 -6.95 -23.01 3.82
CA ARG E 208 -6.14 -26.39 5.35
CA GLN E 209 -3.57 -27.84 2.99
CA TRP E 210 -2.10 -24.33 2.91
CA PHE E 211 -1.88 -24.67 6.67
CA PHE E 212 -0.04 -27.99 6.46
CA ASP E 213 2.46 -27.00 3.76
CA LEU E 214 3.92 -24.20 5.84
CA PRO E 215 7.70 -23.81 6.19
CA LEU E 216 7.47 -24.15 9.98
CA PRO E 217 8.22 -26.87 12.52
CA TRP E 218 5.08 -28.45 13.91
CA ALA E 219 4.06 -30.19 17.12
CA SER E 220 1.67 -33.02 17.96
CA GLY E 221 -1.37 -30.80 18.47
CA ALA E 222 -2.39 -32.30 21.81
CA THR E 223 -2.22 -30.51 25.18
CA THR E 224 1.07 -32.07 26.27
CA GLU E 225 3.31 -30.12 28.62
CA THR E 226 6.47 -31.28 26.79
CA PRO E 227 5.79 -30.82 23.07
CA THR E 228 7.81 -32.64 20.44
CA TRP E 229 8.58 -30.75 17.25
CA ASN E 230 9.14 -31.91 13.68
CA ARG E 231 11.61 -30.73 11.03
CA LYS E 232 13.04 -28.12 13.40
CA GLU E 233 15.87 -27.35 10.94
CA LEU E 234 13.52 -24.92 9.19
CA LEU E 235 14.19 -22.66 12.20
CA VAL E 236 17.72 -23.92 12.94
CA THR E 237 20.63 -23.12 10.62
CA PHE E 238 24.02 -24.84 10.54
CA LYS E 239 26.79 -22.76 8.97
CA ASN E 240 30.08 -24.43 8.08
CA ALA E 241 32.53 -21.53 7.80
CA HIS E 242 35.84 -22.34 6.09
CA ALA E 243 35.15 -26.09 6.48
CA LYS E 244 36.98 -25.87 9.81
CA LYS E 245 34.35 -25.48 12.54
CA GLN E 246 30.56 -25.24 12.63
CA GLU E 247 27.98 -23.43 14.77
CA VAL E 248 24.22 -23.04 15.18
CA VAL E 249 21.99 -20.03 14.55
CA VAL E 250 18.39 -19.92 15.81
CA LEU E 251 17.45 -17.45 13.02
CA GLY E 252 15.28 -14.88 14.78
CA SER E 253 11.48 -14.99 14.60
CA GLN E 254 9.22 -15.15 11.54
CA GLU E 255 6.27 -13.20 12.98
CA GLY E 256 6.31 -10.54 10.26
CA ALA E 257 7.00 -13.25 7.71
CA MET E 258 3.86 -15.01 8.92
CA HIS E 259 1.87 -11.80 8.52
CA THR E 260 3.23 -11.25 5.02
CA ALA E 261 2.03 -14.80 4.38
CA LEU E 262 -1.44 -13.68 5.56
CA THR E 263 -2.07 -11.14 2.80
CA GLY E 264 -5.35 -12.52 1.41
CA ALA E 265 -6.65 -14.19 4.56
CA THR E 266 -9.46 -12.41 6.36
CA GLU E 267 -9.35 -11.19 9.96
CA ILE E 268 -11.47 -12.66 12.74
CA GLN E 269 -12.36 -11.34 16.20
CA ASN E 270 -11.16 -14.01 18.63
CA SER E 271 -11.57 -11.89 21.77
CA GLY E 272 -13.56 -14.24 24.01
CA GLY E 273 -15.81 -16.22 21.72
CA THR E 274 -13.82 -16.44 18.48
CA SER E 275 -16.60 -14.66 16.61
CA ILE E 276 -16.09 -15.47 12.93
CA PHE E 277 -16.91 -12.65 10.52
CA ALA E 278 -17.03 -12.19 6.74
CA GLY E 279 -19.31 -15.24 6.50
CA HIS E 280 -22.16 -16.01 4.15
CA LEU E 281 -25.31 -18.13 4.28
CA LYS E 282 -28.22 -18.86 1.98
CA CYS E 283 -31.59 -18.58 3.69
CA ARG E 284 -34.92 -20.05 2.62
CA LEU E 285 -37.50 -17.60 3.94
CA LYS E 286 -40.97 -18.72 5.01
CA MET E 287 -43.67 -16.08 5.39
CA ASP E 288 -46.99 -17.99 5.45
CA LYS E 289 -47.75 -16.76 8.99
CA LEU E 290 -46.74 -13.11 8.51
CA GLU E 291 -49.48 -10.47 8.65
CA LEU E 292 -49.47 -6.80 7.71
CA LYS E 293 -49.60 -4.08 10.36
CA GLY E 294 -53.38 -3.97 10.52
CA MET E 295 -54.66 -3.39 6.99
CA SER E 296 -58.03 -2.45 8.52
CA TYR E 297 -56.53 0.54 10.34
CA ALA E 298 -58.39 3.79 9.75
CA MET E 299 -57.03 6.48 7.44
CA CYS E 300 -55.39 9.49 9.09
CA THR E 301 -57.42 12.63 8.41
CA ASN E 302 -54.95 15.38 9.31
CA THR E 303 -51.93 17.12 7.84
CA PHE E 304 -48.28 16.28 8.50
CA VAL E 305 -45.11 18.34 9.01
CA LEU E 306 -41.44 17.70 8.33
CA LYS E 307 -39.01 17.41 11.23
CA LYS E 308 -35.75 16.20 9.68
CA GLU E 309 -34.97 17.32 6.15
CA VAL E 310 -35.55 14.70 3.47
CA SER E 311 -32.37 12.79 2.62
CA GLU E 312 -31.24 10.51 -0.20
CA THR E 313 -29.23 7.31 0.15
CA GLN E 314 -27.64 4.86 -2.23
CA HIS E 315 -29.82 2.74 -4.55
CA GLY E 316 -32.12 5.73 -5.01
CA THR E 317 -34.25 5.74 -1.85
CA ILE E 318 -36.19 8.59 -0.25
CA LEU E 319 -36.23 9.27 3.50
CA ILE E 320 -39.25 11.16 4.84
CA LYS E 321 -39.75 12.23 8.47
CA VAL E 322 -43.16 13.62 9.41
CA GLU E 323 -45.24 14.35 12.51
CA TYR E 324 -48.94 13.70 12.97
CA LYS E 325 -50.91 16.58 14.48
CA GLY E 326 -54.37 15.00 14.54
CA GLU E 327 -56.29 13.08 17.17
CA ASP E 328 -56.86 9.51 15.92
CA ALA E 329 -53.50 8.25 17.09
CA PRO E 330 -53.78 4.79 15.44
CA CYS E 331 -54.33 5.72 11.82
CA LYS E 332 -53.39 5.03 8.19
CA ILE E 333 -51.13 7.59 6.53
CA PRO E 334 -52.14 8.16 2.87
CA PHE E 335 -49.43 7.96 0.24
CA SER E 336 -49.24 8.98 -3.40
CA THR E 337 -46.74 10.07 -6.04
CA GLU E 338 -47.31 12.59 -8.84
CA ASP E 339 -44.84 13.12 -11.70
CA GLY E 340 -45.38 15.80 -14.33
CA GLN E 341 -49.00 16.49 -13.28
CA GLY E 342 -49.96 12.97 -14.36
CA LYS E 343 -51.03 10.24 -11.93
CA ALA E 344 -48.84 7.57 -13.51
CA HIS E 345 -47.83 6.22 -10.06
CA ASN E 346 -44.61 4.77 -11.51
CA GLY E 347 -42.97 4.81 -8.07
CA ARG E 348 -42.78 2.62 -5.01
CA LEU E 349 -43.01 2.74 -1.23
CA ILE E 350 -40.64 0.13 0.16
CA THR E 351 -42.02 0.54 3.67
CA ALA E 352 -45.00 -1.81 3.79
CA ASN E 353 -47.68 0.39 5.34
CA PRO E 354 -47.12 3.48 7.50
CA VAL E 355 -49.20 3.96 10.62
CA VAL E 356 -49.38 6.48 13.42
CA THR E 357 -49.24 4.98 16.91
CA LYS E 358 -49.10 7.76 19.50
CA LYS E 359 -49.16 10.95 17.35
CA GLU E 360 -46.06 12.21 19.14
CA GLU E 361 -43.44 9.90 17.67
CA PRO E 362 -42.35 11.47 14.37
CA VAL E 363 -42.97 8.40 12.20
CA ASN E 364 -40.45 8.07 9.39
CA ILE E 365 -40.80 6.38 6.01
CA GLU E 366 -38.35 5.47 3.23
CA ALA E 367 -39.55 5.51 -0.37
CA GLU E 368 -38.34 4.85 -3.89
CA PRO E 369 -39.28 7.61 -6.35
CA PRO E 370 -39.68 7.55 -10.14
CA PHE E 371 -36.42 7.96 -12.01
CA GLY E 372 -37.21 11.57 -12.91
CA GLU E 373 -39.08 14.47 -11.37
CA SER E 374 -41.84 13.71 -8.89
CA ASN E 375 -43.86 15.48 -6.20
CA ILE E 376 -44.75 13.40 -3.15
CA VAL E 377 -48.05 14.09 -1.41
CA ILE E 378 -48.58 12.41 1.93
CA GLY E 379 -51.54 14.15 3.55
CA ILE E 380 -54.98 14.78 2.10
CA GLY E 381 -56.69 18.00 1.07
CA ASP E 382 -55.09 21.38 0.53
CA ASN E 383 -52.99 21.05 3.70
CA ALA E 384 -51.37 17.91 2.28
CA LEU E 385 -47.59 17.80 2.58
CA LYS E 386 -46.14 18.05 -0.94
CA ILE E 387 -42.58 16.79 -1.44
CA ASN E 388 -41.20 17.54 -4.89
CA TRP E 389 -38.23 15.40 -5.91
CA TYR E 390 -36.00 14.96 -8.93
CA LYS E 391 -33.80 11.87 -9.22
CA LYS E 392 -30.73 12.10 -11.44
CA GLY E 393 -29.98 9.00 -13.48
CA SER E 394 -31.19 6.78 -16.29
CA SER E 395 -33.07 3.50 -16.54
CA ILE E 396 -30.11 2.06 -18.46
CA GLY E 397 -28.02 3.29 -15.54
CA LYS E 398 -29.96 1.22 -13.01
CA MET E 399 -29.86 -1.77 -15.35
CA PHE E 400 -26.08 -1.41 -15.67
CA GLU E 401 -25.54 -1.02 -11.93
CA ALA E 402 -27.80 -3.95 -11.06
CA THR E 403 -25.90 -6.12 -13.54
CA ALA E 404 -22.59 -4.97 -12.05
CA ARG E 405 -23.76 -5.79 -8.53
CA GLY E 406 -24.96 -9.22 -9.62
CA ALA E 407 -21.63 -9.85 -11.31
CA ARG E 408 -19.81 -8.90 -8.10
CA ARG E 409 -22.17 -11.20 -6.18
CA MET E 410 -21.49 -14.19 -8.42
CA ALA E 411 -17.79 -13.34 -8.33
CA ILE E 412 -17.67 -13.80 -4.56
CA LEU E 413 -20.35 -16.39 -3.84
CA GLY E 414 -19.82 -18.48 -6.96
CA ASP E 415 -22.38 -21.21 -7.59
CA THR E 416 -24.57 -20.35 -4.58
CA ALA E 417 -24.97 -16.79 -5.89
CA TRP E 418 -27.86 -17.90 -8.13
CA ASP E 419 -30.10 -17.90 -5.03
CA PHE E 420 -30.61 -14.21 -4.20
CA GLY E 421 -34.39 -13.92 -4.34
CA SER E 422 -34.67 -16.68 -6.94
CA VAL E 423 -37.68 -18.97 -6.71
CA GLY E 424 -36.68 -20.60 -10.00
CA GLY E 425 -39.45 -23.08 -10.69
CA VAL E 426 -38.15 -24.11 -14.11
CA LEU E 427 -35.21 -21.90 -15.19
CA ASN E 428 -33.11 -20.74 -12.25
CA SER E 429 -32.57 -24.38 -11.25
CA LEU E 430 -31.11 -25.24 -14.66
CA GLY E 431 -29.05 -22.05 -14.60
CA LYS E 432 -27.71 -23.07 -11.19
CA MET E 433 -26.87 -26.53 -12.50
CA VAL E 434 -25.01 -25.31 -15.58
CA HIS E 435 -23.15 -22.62 -13.65
CA GLN E 436 -22.22 -25.21 -11.01
CA ILE E 437 -20.72 -27.50 -13.66
CA PHE E 438 -18.88 -24.70 -15.44
CA GLY E 439 -17.63 -23.06 -12.24
CA SER E 440 -16.37 -26.33 -10.81
CA ALA E 441 -14.49 -27.04 -14.03
CA TYR E 442 -13.29 -23.43 -13.98
CA THR E 443 -12.00 -23.13 -10.40
CA ALA E 444 -10.45 -26.56 -10.92
CA LEU E 445 -8.17 -24.74 -13.37
CA PHE E 446 -7.39 -21.59 -11.37
CA SER E 447 -6.81 -22.89 -7.85
CA GLY E 448 -4.13 -20.59 -6.42
CA VAL E 449 -3.83 -18.12 -9.32
CA SER E 450 -2.81 -14.63 -8.24
CA TRP E 451 -4.37 -11.30 -9.27
CA VAL E 452 -2.14 -9.85 -11.98
CA MET E 453 -1.51 -13.51 -12.83
CA LYS E 454 -5.18 -14.15 -13.62
CA ILE E 455 -5.43 -10.83 -15.46
CA GLY E 456 -2.46 -11.79 -17.63
CA ILE E 457 -3.72 -15.30 -18.27
CA GLY E 458 -7.09 -13.91 -19.31
CA VAL E 459 -5.65 -11.32 -21.67
CA LEU E 460 -3.33 -13.91 -23.23
CA LEU E 461 -6.17 -16.37 -23.79
CA THR E 462 -8.46 -13.69 -25.21
CA TRP E 463 -5.70 -12.72 -27.64
CA ILE E 464 -5.46 -16.39 -28.60
CA GLY E 465 -9.24 -16.49 -29.07
CA LEU E 466 -9.03 -13.28 -31.06
CA ASN E 467 -6.92 -14.83 -33.85
CA SER E 468 -8.02 -18.47 -34.15
CA LYS E 469 -9.97 -20.29 -36.86
CA ASN E 470 -12.83 -22.45 -35.54
CA THR E 471 -15.58 -21.47 -33.07
CA SER E 472 -13.09 -22.22 -30.28
CA MET E 473 -11.89 -18.64 -30.65
CA SER E 474 -15.40 -17.33 -29.98
CA PHE E 475 -15.97 -19.61 -27.00
CA SER E 476 -12.58 -19.20 -25.33
CA CYS E 477 -12.24 -15.46 -25.92
CA ILE E 478 -15.80 -14.35 -25.18
CA ALA E 479 -16.19 -16.48 -22.06
CA ILE E 480 -12.82 -16.74 -20.37
CA GLY E 481 -10.99 -13.63 -21.54
CA ILE E 482 -13.86 -11.67 -20.02
CA ILE E 483 -14.73 -13.62 -16.86
CA THR E 484 -11.09 -13.88 -15.77
CA LEU E 485 -10.45 -10.18 -16.34
CA TYR E 486 -13.56 -9.24 -14.37
CA LEU E 487 -12.66 -11.61 -11.52
CA GLY E 488 -9.16 -10.15 -11.36
CA ALA E 489 -10.83 -6.74 -11.28
CA VAL E 490 -12.90 -7.86 -8.27
CA VAL E 491 -10.72 -10.48 -6.53
CA GLN E 492 -9.15 -9.51 -3.19
CA ALA E 493 -12.06 -7.29 -2.15
CA SER F 1 6.26 -19.06 5.80
CA VAL F 2 9.01 -16.99 4.24
CA ALA F 3 6.58 -14.48 2.67
CA LEU F 4 7.37 -15.61 -0.87
CA ALA F 5 4.18 -17.73 -0.94
CA PRO F 6 1.32 -15.50 0.23
CA HIS F 7 -2.23 -16.69 0.87
CA VAL F 8 -3.49 -14.75 -2.12
CA GLY F 9 -4.48 -17.37 -4.70
CA MET F 10 -7.15 -19.21 -2.74
CA GLY F 11 -9.96 -16.77 -3.57
CA LEU F 12 -12.22 -17.34 -0.56
CA ASP F 13 -13.37 -13.78 -1.10
CA THR F 14 -16.05 -11.64 0.52
CA ARG F 15 -16.99 -7.99 0.87
CA THR F 16 -14.58 -7.29 3.72
CA GLN F 17 -11.13 -5.86 3.12
CA THR F 18 -8.44 -8.55 3.29
CA TRP F 19 -5.34 -8.31 5.44
CA MET F 20 -2.81 -6.67 3.10
CA SER F 21 -4.76 -6.03 -0.08
CA ALA F 22 -3.39 -2.75 -1.42
CA GLU F 23 0.33 -2.93 -0.62
CA GLY F 24 0.36 -6.71 -0.89
CA ALA F 25 -1.05 -6.38 -4.40
CA TRP F 26 1.08 -3.52 -5.73
CA ARG F 27 4.29 -4.70 -4.02
CA GLN F 28 5.23 -7.48 -6.42
CA VAL F 29 4.75 -5.28 -9.48
CA GLU F 30 6.73 -2.41 -7.96
CA LYS F 31 9.43 -4.93 -7.02
CA VAL F 32 9.56 -6.14 -10.61
CA GLU F 33 9.85 -2.53 -11.78
CA THR F 34 12.72 -1.74 -9.40
CA TRP F 35 14.42 -4.94 -10.52
CA ALA F 36 14.08 -3.76 -14.11
CA LEU F 37 15.54 -0.34 -13.32
CA ARG F 38 18.44 -1.67 -11.24
CA HIS F 39 19.64 -4.25 -13.82
CA PRO F 40 19.01 -3.05 -17.39
CA GLY F 41 21.32 -5.69 -18.90
CA PHE F 42 18.63 -8.35 -18.81
CA THR F 43 16.41 -6.07 -20.89
CA ILE F 44 18.79 -6.37 -23.85
CA LEU F 45 19.40 -10.04 -23.01
CA ALA F 46 15.71 -10.94 -23.18
CA LEU F 47 15.27 -8.74 -26.25
CA PHE F 48 17.87 -10.89 -28.00
CA LEU F 49 16.34 -14.10 -26.65
CA ALA F 50 12.80 -13.29 -27.75
CA HIS F 51 13.88 -11.94 -31.14
CA TYR F 52 15.77 -15.17 -31.80
CA ILE F 53 12.80 -17.33 -30.71
CA GLY F 54 10.08 -17.08 -33.34
CA THR F 55 9.00 -14.13 -35.50
CA SER F 56 5.31 -13.27 -35.18
CA LEU F 57 5.63 -10.31 -32.74
CA THR F 58 2.96 -12.12 -30.71
CA GLN F 59 5.11 -14.96 -29.45
CA LYS F 60 7.83 -12.30 -29.40
CA VAL F 61 5.92 -9.90 -27.14
CA VAL F 62 4.68 -12.65 -24.84
CA ILE F 63 8.14 -14.20 -24.48
CA PHE F 64 9.68 -10.81 -23.75
CA ILE F 65 7.05 -9.95 -21.13
CA LEU F 66 7.21 -13.33 -19.39
CA LEU F 67 11.01 -13.10 -19.23
CA MET F 68 10.66 -9.60 -17.80
CA LEU F 69 8.34 -11.02 -15.14
CA VAL F 70 10.12 -14.28 -14.31
CA THR F 71 13.58 -13.15 -13.17
CA PRO F 72 12.54 -10.49 -10.61
CA SER F 73 10.09 -13.00 -9.17
CA MET F 74 12.23 -16.12 -9.57
CA THR F 75 15.36 -14.47 -8.14
CA GLN G 1 -2.87 -1.33 43.35
CA VAL G 2 -0.60 -3.59 41.29
CA GLN G 3 1.28 -6.23 43.28
CA LEU G 4 2.50 -9.82 43.37
CA VAL G 5 2.14 -12.22 46.32
CA GLN G 6 2.74 -15.93 46.79
CA SER G 7 0.73 -18.96 47.84
CA GLY G 8 2.92 -19.23 50.95
CA ALA G 9 5.84 -21.18 52.31
CA GLU G 10 5.78 -24.98 52.30
CA VAL G 11 8.07 -27.77 53.49
CA LYS G 12 8.25 -31.26 52.00
CA LYS G 13 10.35 -34.42 51.72
CA PRO G 14 12.62 -34.79 48.69
CA GLY G 15 11.14 -36.81 45.84
CA ALA G 16 7.71 -35.18 46.13
CA PRO G 17 6.14 -32.77 43.62
CA VAL G 18 5.10 -29.35 44.94
CA LYS G 19 2.62 -26.80 43.56
CA VAL G 20 3.32 -23.06 43.86
CA SER G 21 1.06 -20.15 42.89
CA CYS G 22 1.33 -16.38 42.40
CA GLU G 23 -2.00 -14.60 42.23
CA ALA G 24 -1.66 -11.26 40.44
CA SER G 25 -4.05 -8.32 40.39
CA GLY G 26 -4.40 -4.59 39.75
CA TYR G 27 -3.44 -4.71 36.07
CA THR G 28 -3.83 -6.66 32.84
CA PHE G 29 -2.70 -10.18 33.74
CA THR G 30 -2.28 -11.32 30.12
CA ASP G 31 -0.17 -8.33 29.04
CA TYR G 32 2.94 -9.08 31.13
CA PHE G 33 5.13 -12.08 31.88
CA ILE G 34 5.70 -13.75 35.23
CA HIS G 35 9.26 -14.90 35.61
CA TRP G 36 9.64 -16.96 38.81
CA VAL G 37 13.06 -16.05 40.14
CA ARG G 38 14.18 -18.34 42.96
CA GLN G 39 16.92 -17.72 45.48
CA ALA G 40 19.09 -20.36 47.10
CA PRO G 41 19.74 -19.54 50.76
CA GLY G 42 22.62 -17.09 50.91
CA GLN G 43 23.59 -17.60 47.27
CA GLY G 44 23.25 -15.85 43.93
CA LEU G 45 20.04 -15.31 42.00
CA GLU G 46 18.80 -17.66 39.26
CA TRP G 47 16.19 -17.13 36.59
CA MET G 48 14.18 -20.19 35.35
CA GLY G 49 12.72 -18.63 32.22
CA TRP G 50 9.11 -17.41 32.15
CA ILE G 51 5.61 -18.10 30.87
CA ASN G 52 3.42 -15.94 28.62
CA PRO G 53 -0.08 -15.81 30.18
CA ILE G 54 -1.87 -14.38 27.14
CA SER G 55 -1.30 -17.60 25.19
CA GLY G 56 0.62 -19.99 27.41
CA GLY G 57 4.00 -19.61 25.71
CA THR G 58 6.79 -20.83 27.99
CA ASN G 59 10.57 -20.75 27.75
CA TYR G 60 12.53 -22.78 30.31
CA HIS G 61 16.03 -22.42 31.68
CA PRO G 62 18.48 -25.05 30.35
CA ARG G 63 19.07 -26.55 33.80
CA PHE G 64 15.39 -26.61 34.75
CA HIS G 65 13.93 -27.73 31.41
CA GLY G 66 11.60 -30.67 31.98
CA GLY G 67 12.01 -31.20 35.72
CA VAL G 68 9.72 -28.23 36.40
CA THR G 69 6.49 -27.13 34.74
CA MET G 70 5.08 -23.61 34.57
CA THR G 71 1.35 -22.99 34.06
CA ARG G 72 -1.12 -20.12 34.39
CA ASP G 73 -4.83 -19.34 34.61
CA THR G 74 -6.46 -16.23 33.18
CA SER G 75 -9.76 -16.97 34.95
CA MET G 76 -8.24 -16.40 38.39
CA LYS G 77 -5.23 -14.44 37.04
CA VAL G 78 -2.96 -16.92 38.79
CA ALA G 79 0.01 -18.88 37.46
CA TYR G 80 0.64 -22.31 38.97
CA MET G 81 4.16 -23.64 39.55
CA GLU G 82 4.65 -27.42 39.71
CA LEU G 83 8.03 -28.78 40.82
CA LYS G 84 8.18 -32.55 40.33
CA ARG G 85 11.02 -34.85 41.53
CA LEU G 86 11.85 -32.41 44.32
CA THR G 87 15.44 -32.99 45.42
CA SER G 88 17.34 -32.06 48.57
CA ASP G 89 19.67 -29.73 46.64
CA ASP G 90 16.72 -27.83 45.14
CA THR G 91 15.99 -25.76 48.24
CA ALA G 92 15.33 -22.04 47.80
CA VAL G 93 12.76 -19.27 47.97
CA TYR G 94 10.70 -18.89 44.80
CA PHE G 95 9.61 -15.36 43.96
CA CYS G 96 7.04 -14.38 41.36
CA ALA G 97 8.08 -11.36 39.33
CA ARG G 98 6.50 -9.43 36.47
CA GLY G 99 8.23 -8.52 33.21
CA ARG G 100 7.44 -6.74 29.98
CA ASP G 101 6.53 -8.27 26.64
CA PHE G 102 9.33 -6.38 24.87
CA ARG G 103 12.90 -7.49 24.17
CA GLY G 104 14.46 -4.68 26.18
CA GLY G 105 11.61 -5.14 28.66
CA TYR G 106 12.29 -8.87 28.97
CA SER G 107 14.90 -8.07 31.65
CA GLN G 108 12.73 -5.22 32.99
CA LEU G 109 11.53 -7.10 36.06
CA ASP G 110 9.41 -4.37 37.61
CA TYR G 111 7.52 -6.16 40.38
CA TRP G 112 8.13 -9.06 42.75
CA GLY G 113 6.36 -11.47 45.02
CA GLN G 114 7.57 -11.95 48.57
CA GLY G 115 8.82 -15.43 47.72
CA THR G 116 7.81 -19.00 48.57
CA LEU G 117 10.29 -20.80 50.82
CA VAL G 118 10.50 -24.48 49.89
CA THR G 119 12.50 -26.61 52.31
CA VAL G 120 13.58 -30.26 52.18
CA SER G 121 12.46 -31.17 55.70
CA SER G 122 12.37 -34.66 57.21
CA SER H 2 30.82 -14.48 28.93
CA VAL H 3 30.25 -13.81 32.64
CA LEU H 4 30.52 -10.46 34.41
CA THR H 5 32.11 -10.02 37.84
CA GLN H 6 32.06 -7.44 40.62
CA PRO H 7 34.24 -7.62 43.74
CA PRO H 8 32.63 -6.64 47.05
CA SER H 9 33.44 -3.14 48.27
CA ALA H 10 32.83 -0.87 51.25
CA SER H 11 32.83 2.72 52.46
CA GLY H 12 32.25 4.75 55.60
CA THR H 13 29.33 6.99 56.41
CA PRO H 14 31.01 9.97 54.62
CA GLY H 15 30.10 9.45 50.99
CA GLN H 16 33.52 10.50 49.76
CA ARG H 17 33.30 8.11 46.81
CA VAL H 18 31.52 4.79 46.23
CA THR H 19 32.31 3.19 42.86
CA ILE H 20 31.39 -0.42 42.06
CA SER H 21 32.56 -1.80 38.72
CA CYS H 22 30.52 -4.30 36.70
CA SER H 23 32.65 -5.51 33.77
CA GLY H 24 31.29 -8.05 31.30
CA GLY H 25 32.09 -8.92 27.71
CA SER H 26 31.70 -7.80 24.09
CA SER H 27 28.31 -9.52 23.78
CA ASN H 28 26.58 -8.85 27.11
CA ILE H 29 27.67 -5.39 28.30
CA ALA H 30 29.19 -3.78 25.19
CA ILE H 31 25.79 -3.83 23.45
CA ASN H 32 23.04 -4.14 26.10
CA THR H 33 21.86 -1.75 28.80
CA VAL H 34 23.07 -2.60 32.30
CA ASN H 35 20.47 -2.93 35.05
CA TRP H 36 21.66 -2.30 38.60
CA TYR H 37 19.78 -3.90 41.50
CA GLN H 38 19.89 -3.21 45.24
CA GLN H 39 19.09 -6.08 47.63
CA VAL H 40 18.65 -5.37 51.34
CA PRO H 41 19.36 -8.67 53.14
CA GLY H 42 16.28 -10.75 53.85
CA THR H 43 14.26 -8.70 51.37
CA ALA H 44 13.41 -9.12 47.71
CA PRO H 45 15.84 -7.26 45.42
CA LYS H 46 14.71 -3.81 44.33
CA LEU H 47 15.06 -2.42 40.83
CA LEU H 48 17.34 0.49 41.66
CA MET H 49 18.16 1.10 38.04
CA TYR H 50 15.86 0.37 35.09
CA SER H 51 17.99 1.76 32.26
CA ASN H 52 21.59 2.57 31.38
CA ASN H 53 21.60 5.90 33.29
CA GLN H 54 18.03 6.11 34.64
CA ARG H 55 16.56 5.25 38.06
CA PRO H 56 12.82 4.55 38.50
CA SER H 57 12.00 5.58 42.07
CA GLY H 58 15.17 5.34 44.15
CA VAL H 59 16.66 8.26 46.01
CA PRO H 60 17.85 10.78 43.39
CA ASP H 61 21.24 12.51 43.34
CA ARG H 62 22.70 9.46 45.13
CA PHE H 63 22.19 6.45 42.83
CA SER H 64 23.74 7.44 39.50
CA GLY H 65 25.89 5.09 37.44
CA SER H 66 26.86 4.42 33.86
CA LYS H 67 28.51 1.86 31.61
CA SER H 68 31.30 2.58 29.12
CA GLY H 69 32.26 0.05 26.48
CA THR H 70 32.74 -3.29 28.22
CA SER H 71 32.35 -2.11 31.83
CA ALA H 72 29.59 -0.70 34.01
CA SER H 73 29.89 1.36 37.17
CA LEU H 74 27.53 2.71 39.83
CA ALA H 75 28.54 5.84 41.74
CA ILE H 76 27.05 6.61 45.16
CA SER H 77 27.74 9.98 46.82
CA GLY H 78 26.92 10.81 50.43
CA LEU H 79 25.63 7.34 51.24
CA GLN H 80 23.64 6.87 54.43
CA SER H 81 23.24 3.69 56.49
CA GLU H 82 20.23 2.72 54.36
CA ASP H 83 22.54 2.08 51.39
CA GLU H 84 23.77 -0.86 53.47
CA ALA H 85 22.67 -3.52 51.01
CA ASP H 86 23.96 -5.96 48.42
CA TYR H 87 24.08 -4.66 44.85
CA TYR H 88 23.49 -6.47 41.56
CA CYS H 89 24.16 -5.53 37.96
CA ALA H 90 21.88 -7.50 35.62
CA THR H 91 22.10 -7.54 31.83
CA TRP H 92 20.91 -9.72 28.95
CA ASP H 93 23.74 -11.39 27.04
CA ASP H 94 23.09 -12.14 23.40
CA SER H 95 25.71 -14.80 22.67
CA LEU H 96 24.63 -16.90 25.67
CA LYS H 97 21.03 -15.65 25.30
CA ASP H 98 20.13 -15.33 28.98
CA VAL H 99 20.27 -12.82 31.83
CA LEU H 100 23.60 -12.45 33.64
CA PHE H 101 23.69 -11.17 37.23
CA GLY H 102 26.58 -9.76 39.21
CA GLY H 103 28.61 -11.65 41.75
CA GLY H 104 27.30 -9.26 44.37
CA THR H 105 28.94 -6.52 46.40
CA LYS H 106 28.39 -6.04 50.13
CA LEU H 107 28.69 -2.29 50.45
CA THR H 108 29.21 -2.00 54.21
CA VAL H 109 28.54 1.46 55.62
CA LEU H 110 30.78 2.48 58.50
#